data_8FFE
#
_entry.id   8FFE
#
_cell.length_a   125.212
_cell.length_b   91.385
_cell.length_c   104.055
_cell.angle_alpha   90.000
_cell.angle_beta   103.670
_cell.angle_gamma   90.000
#
_symmetry.space_group_name_H-M   'C 1 2 1'
#
loop_
_entity.id
_entity.type
_entity.pdbx_description
1 polymer 'Low-density lipoprotein receptor-related protein 6'
2 polymer 'YW210.09 Fab heavy chain with engineered XWnt8 NC peptide and linker'
3 polymer 'YW210.09 Fab light chain'
4 branched alpha-L-fucopyranose-(1-3)-[2-acetamido-2-deoxy-beta-D-glucopyranose-(1-4)][alpha-L-fucopyranose-(1-6)]2-acetamido-2-deoxy-beta-D-glucopyranose
5 branched beta-D-mannopyranose-(1-4)-2-acetamido-2-deoxy-beta-D-glucopyranose-(1-4)-[alpha-L-fucopyranose-(1-3)][alpha-L-fucopyranose-(1-6)]2-acetamido-2-deoxy-beta-D-glucopyranose
6 branched alpha-D-mannopyranose-(1-3)-[2-acetamido-2-deoxy-beta-D-glucopyranose-(1-4)]2-acetamido-2-deoxy-beta-D-glucopyranose
7 non-polymer GLYCEROL
8 non-polymer 'SODIUM ION'
9 non-polymer 'SUCCINIC ACID'
10 water water
#
loop_
_entity_poly.entity_id
_entity_poly.type
_entity_poly.pdbx_seq_one_letter_code
_entity_poly.pdbx_strand_id
1 'polypeptide(L)'
;APLLLYANRRDLRLVDATNGKENATIVVGGLEDAAAVDFVFSHGLIYWSDVSEEAIKRTEFNKTESVQNVVVSGLLSPDG
LACDWLGEKLYWTDSETNRIEVSNLDGSLRKVLFWQELDQPRAIALDPSSGFMYWTDWGEVPKIERAGMDGSSRFIIINS
EIYWPNGLTLDYEEQKLYWADAKLNFIHKSNLDGTNRQAVVKGSLPHPFALTLFEDILYWTDWSTHSILACNKYTGEGLR
EIHSDIFSPMDIHAFSQQRQPNATNPCGIDNGGCSHLCLMSPVKPFYQCACPTGVKLLENGKTCKDGATELLLLARRTDL
RRISLDTPDFTDIVLQLEDIRHAIAIDYDPVEGYIYWTDDEVRAIRRSFIDGSGSQFVVTAQIAHPDGIAVDWVARNLYW
TDTGTDRIEVTRLNGTMRKILISEDLEEPRAIVLDPMVGYMYWTDWGEIPKIERAALDGSDRVVLVNTSLGWPNGLALDY
DEGKIYWGDAKTDKIEVMNTDGTGRRVLVEDKIPHIFGFTLLGDYVYWTDWQRRSIERVHKRSAEREVIIDQLPDLMGLK
ATNVHRVIGSNPCAEENGGCSHLCLYRPQGLRCACPIGFELISDMKTCIVPEH
;
A
2 'polypeptide(L)'
;DPCTNSVNCRRAIADAFSGGGGSGGGGSGGGGSEVQLVESGGGLVQPGGSLRLSCAASGFTFTNSYIHWVRQAPGKGLEW
VGWITPYGGYTNYADSVKGRFTISADTSKNTAYLQMNSLRAEDTAVYYCARGSGHVNAVKNYGYVMDYWGQGTLVTVSSA
STKGPSVFPLAPSSKSTSGGTAALGCLVKDYFPEPVTVSWNSGALTSGVHTFPAVLQSSGLYSLSSVVTVPSSSLGTQTY
ICNVNHKPSNTKVDKKVEPKSCDKTHSRGGLEVLFQ
;
H
3 'polypeptide(L)'
;ADPDIQMTQSPSSLSASVGDRVTITCRASQDVSTAVAWYQQKPGKAPKLLIYSASFLYSGVPSRFSGSGSGTDFTLTISS
LQPEDFATYYCQQSYTTPPTFGQGTKVEIKRTVAAPSVFIFPPSDEQLKSGTASVVCLLNNFYPREAKVQWKVDNALQSG
NSQESVTEQDSKDSTYSLSSTLTLSKADYEKHKVYACEVTQGTTSVTKSFNRGECSRGGLEVLFQ
;
L
#
# COMPACT_ATOMS: atom_id res chain seq x y z
N ALA A 1 30.35 -35.11 5.88
CA ALA A 1 30.03 -34.10 4.87
C ALA A 1 29.02 -33.11 5.43
N PRO A 2 29.43 -31.85 5.59
CA PRO A 2 28.53 -30.83 6.18
C PRO A 2 27.32 -30.56 5.31
N LEU A 3 26.14 -30.89 5.84
CA LEU A 3 24.87 -30.59 5.17
C LEU A 3 24.45 -29.15 5.48
N LEU A 4 24.10 -28.40 4.44
CA LEU A 4 23.64 -27.02 4.57
C LEU A 4 22.15 -26.96 4.28
N LEU A 5 21.38 -26.50 5.26
CA LEU A 5 19.95 -26.27 5.14
C LEU A 5 19.69 -24.80 4.86
N TYR A 6 18.98 -24.50 3.78
CA TYR A 6 18.68 -23.12 3.44
C TYR A 6 17.25 -22.95 2.94
N ALA A 7 16.71 -21.75 3.21
CA ALA A 7 15.42 -21.31 2.74
C ALA A 7 15.57 -20.67 1.37
N ASN A 8 14.52 -20.79 0.55
CA ASN A 8 14.62 -20.50 -0.88
C ASN A 8 13.31 -19.93 -1.41
N ARG A 9 12.53 -19.29 -0.53
CA ARG A 9 11.26 -18.65 -0.81
C ARG A 9 10.13 -19.63 -1.13
N ARG A 10 10.24 -20.41 -2.21
CA ARG A 10 9.19 -21.37 -2.52
C ARG A 10 9.41 -22.75 -1.88
N ASP A 11 10.58 -22.98 -1.30
CA ASP A 11 10.93 -24.28 -0.73
C ASP A 11 12.10 -24.13 0.23
N LEU A 12 12.36 -25.18 1.01
CA LEU A 12 13.58 -25.32 1.80
C LEU A 12 14.40 -26.46 1.23
N ARG A 13 15.74 -26.27 1.17
CA ARG A 13 16.58 -27.25 0.51
C ARG A 13 17.77 -27.64 1.39
N LEU A 14 18.29 -28.82 1.10
CA LEU A 14 19.48 -29.39 1.73
C LEU A 14 20.50 -29.70 0.64
N VAL A 15 21.73 -29.23 0.83
CA VAL A 15 22.83 -29.52 -0.07
C VAL A 15 24.04 -29.94 0.77
N ASP A 16 24.79 -30.92 0.30
CA ASP A 16 26.04 -31.24 0.96
C ASP A 16 27.13 -30.38 0.32
N ALA A 17 27.91 -29.69 1.16
CA ALA A 17 28.96 -28.83 0.64
C ALA A 17 30.04 -29.63 -0.09
N THR A 18 30.19 -30.92 0.21
CA THR A 18 31.20 -31.74 -0.45
C THR A 18 30.91 -31.88 -1.94
N ASN A 19 29.72 -32.37 -2.27
CA ASN A 19 29.26 -32.46 -3.65
C ASN A 19 28.31 -31.31 -3.98
N GLY A 20 28.76 -30.07 -3.72
CA GLY A 20 27.90 -28.91 -3.85
C GLY A 20 27.38 -28.66 -5.26
N LYS A 21 28.09 -29.17 -6.28
CA LYS A 21 27.67 -29.06 -7.67
C LYS A 21 26.40 -29.86 -7.96
N GLU A 22 25.98 -30.74 -7.05
CA GLU A 22 24.82 -31.59 -7.28
C GLU A 22 23.52 -30.82 -7.00
N ASN A 23 22.42 -31.36 -7.55
CA ASN A 23 21.10 -30.81 -7.29
C ASN A 23 20.80 -30.84 -5.81
N ALA A 24 20.38 -29.70 -5.26
CA ALA A 24 20.01 -29.65 -3.85
C ALA A 24 18.67 -30.36 -3.66
N THR A 25 18.59 -31.19 -2.63
CA THR A 25 17.35 -31.89 -2.34
C THR A 25 16.33 -30.96 -1.68
N ILE A 26 15.08 -31.03 -2.13
CA ILE A 26 14.02 -30.22 -1.58
C ILE A 26 13.54 -30.86 -0.28
N VAL A 27 13.58 -30.10 0.82
CA VAL A 27 13.11 -30.58 2.12
C VAL A 27 11.61 -30.37 2.26
N VAL A 28 11.15 -29.15 2.01
CA VAL A 28 9.74 -28.78 2.06
C VAL A 28 9.46 -27.89 0.86
N GLY A 29 8.38 -28.19 0.13
CA GLY A 29 7.92 -27.35 -0.97
C GLY A 29 6.56 -26.71 -0.74
N GLY A 30 6.02 -26.05 -1.76
CA GLY A 30 4.73 -25.40 -1.63
C GLY A 30 4.71 -24.15 -0.79
N LEU A 31 5.85 -23.51 -0.58
CA LEU A 31 5.93 -22.31 0.24
C LEU A 31 5.80 -21.07 -0.64
N GLU A 32 5.52 -19.93 0.02
CA GLU A 32 5.32 -18.65 -0.65
C GLU A 32 6.56 -17.74 -0.56
N ASP A 33 6.97 -17.35 0.65
CA ASP A 33 8.15 -16.53 0.80
C ASP A 33 8.94 -16.96 2.04
N ALA A 34 9.38 -18.22 2.04
CA ALA A 34 10.19 -18.73 3.14
C ALA A 34 11.49 -17.96 3.23
N ALA A 35 11.80 -17.48 4.43
CA ALA A 35 12.90 -16.54 4.64
C ALA A 35 13.88 -17.07 5.68
N ALA A 36 13.46 -17.16 6.95
CA ALA A 36 14.31 -17.64 8.04
C ALA A 36 14.11 -19.14 8.23
N VAL A 37 15.19 -19.82 8.61
CA VAL A 37 15.14 -21.27 8.85
C VAL A 37 15.99 -21.62 10.06
N ASP A 38 15.57 -22.64 10.80
CA ASP A 38 16.41 -23.22 11.85
C ASP A 38 15.84 -24.61 12.15
N PHE A 39 16.43 -25.28 13.13
CA PHE A 39 16.09 -26.67 13.39
C PHE A 39 16.27 -26.99 14.87
N VAL A 40 15.70 -28.13 15.27
CA VAL A 40 15.98 -28.75 16.58
C VAL A 40 16.40 -30.17 16.25
N PHE A 41 17.72 -30.40 16.19
CA PHE A 41 18.21 -31.65 15.62
C PHE A 41 17.79 -32.85 16.44
N SER A 42 17.83 -32.73 17.78
CA SER A 42 17.49 -33.87 18.61
C SER A 42 16.03 -34.26 18.46
N HIS A 43 15.15 -33.30 18.14
CA HIS A 43 13.73 -33.52 17.94
C HIS A 43 13.36 -33.78 16.47
N GLY A 44 14.34 -33.74 15.57
CA GLY A 44 14.07 -33.92 14.15
C GLY A 44 13.16 -32.87 13.55
N LEU A 45 13.18 -31.66 14.09
CA LEU A 45 12.29 -30.59 13.65
C LEU A 45 13.04 -29.59 12.80
N ILE A 46 12.37 -29.10 11.75
CA ILE A 46 12.85 -27.98 10.96
C ILE A 46 11.78 -26.89 11.00
N TYR A 47 12.19 -25.67 11.32
CA TYR A 47 11.31 -24.51 11.40
C TYR A 47 11.64 -23.54 10.28
N TRP A 48 10.61 -22.82 9.80
CA TRP A 48 10.90 -21.72 8.88
C TRP A 48 9.89 -20.62 9.07
N SER A 49 10.29 -19.41 8.72
CA SER A 49 9.36 -18.29 8.64
C SER A 49 8.96 -18.07 7.19
N ASP A 50 7.73 -17.64 6.99
CA ASP A 50 7.25 -17.30 5.66
C ASP A 50 6.69 -15.88 5.75
N VAL A 51 7.32 -14.93 5.05
CA VAL A 51 6.95 -13.52 5.22
C VAL A 51 5.75 -13.08 4.40
N SER A 52 5.28 -13.88 3.43
CA SER A 52 4.02 -13.58 2.75
C SER A 52 2.83 -14.25 3.43
N GLU A 53 2.98 -15.50 3.86
CA GLU A 53 1.95 -16.11 4.70
C GLU A 53 1.93 -15.54 6.11
N GLU A 54 2.97 -14.80 6.49
CA GLU A 54 3.09 -14.14 7.79
C GLU A 54 2.96 -15.16 8.92
N ALA A 55 3.80 -16.20 8.82
CA ALA A 55 3.68 -17.39 9.66
C ALA A 55 5.06 -17.97 9.92
N ILE A 56 5.18 -18.67 11.05
CA ILE A 56 6.29 -19.58 11.30
C ILE A 56 5.71 -20.98 11.36
N LYS A 57 6.36 -21.92 10.68
CA LYS A 57 5.85 -23.27 10.54
C LYS A 57 6.96 -24.25 10.85
N ARG A 58 6.61 -25.52 10.97
CA ARG A 58 7.62 -26.54 11.16
C ARG A 58 7.18 -27.86 10.55
N THR A 59 8.15 -28.75 10.35
CA THR A 59 7.93 -30.13 9.93
C THR A 59 8.96 -31.03 10.59
N GLU A 60 8.64 -32.32 10.67
CA GLU A 60 9.60 -33.33 11.09
C GLU A 60 10.37 -33.80 9.86
N PHE A 61 11.70 -33.82 9.97
CA PHE A 61 12.52 -34.10 8.80
C PHE A 61 12.39 -35.54 8.35
N ASN A 62 12.17 -36.48 9.28
CA ASN A 62 12.05 -37.88 8.91
C ASN A 62 10.75 -38.15 8.15
N LYS A 63 9.61 -37.90 8.79
CA LYS A 63 8.32 -38.02 8.12
C LYS A 63 8.22 -36.97 7.00
N THR A 64 7.11 -37.01 6.26
CA THR A 64 6.99 -36.20 5.06
C THR A 64 5.55 -35.68 4.92
N GLU A 65 5.45 -34.46 4.38
CA GLU A 65 4.18 -33.88 3.93
C GLU A 65 3.22 -33.65 5.09
N SER A 66 3.72 -32.99 6.14
CA SER A 66 2.88 -32.61 7.27
C SER A 66 3.47 -31.32 7.85
N VAL A 67 2.95 -30.19 7.39
CA VAL A 67 3.44 -28.89 7.83
C VAL A 67 2.59 -28.46 9.01
N GLN A 68 3.24 -28.13 10.12
CA GLN A 68 2.57 -27.73 11.35
C GLN A 68 2.74 -26.22 11.52
N ASN A 69 1.61 -25.51 11.61
CA ASN A 69 1.63 -24.08 11.93
C ASN A 69 2.03 -23.87 13.39
N VAL A 70 2.96 -22.95 13.61
CA VAL A 70 3.49 -22.64 14.94
C VAL A 70 3.07 -21.24 15.39
N VAL A 71 3.24 -20.24 14.53
CA VAL A 71 2.83 -18.87 14.81
C VAL A 71 2.17 -18.33 13.54
N VAL A 72 0.94 -17.85 13.64
CA VAL A 72 0.23 -17.54 12.39
C VAL A 72 -0.49 -16.22 12.54
N SER A 73 -0.19 -15.52 13.62
CA SER A 73 -0.81 -14.23 13.90
C SER A 73 0.28 -13.30 14.40
N GLY A 74 0.04 -12.00 14.26
CA GLY A 74 0.91 -10.99 14.81
C GLY A 74 2.21 -10.77 14.08
N LEU A 75 2.38 -11.38 12.90
CA LEU A 75 3.62 -11.28 12.15
C LEU A 75 3.40 -10.44 10.90
N LEU A 76 4.41 -9.65 10.57
CA LEU A 76 4.37 -8.87 9.35
C LEU A 76 5.60 -9.17 8.50
N SER A 77 6.80 -8.98 9.04
CA SER A 77 8.03 -9.31 8.32
C SER A 77 8.96 -10.08 9.25
N PRO A 78 8.65 -11.37 9.51
CA PRO A 78 9.50 -12.19 10.40
C PRO A 78 10.75 -12.67 9.68
N ASP A 79 11.79 -11.83 9.74
CA ASP A 79 12.97 -12.00 8.89
C ASP A 79 14.05 -12.88 9.53
N GLY A 80 13.95 -13.17 10.82
CA GLY A 80 14.94 -14.00 11.50
C GLY A 80 14.27 -14.89 12.52
N LEU A 81 14.85 -16.08 12.71
CA LEU A 81 14.27 -17.13 13.52
C LEU A 81 15.38 -17.96 14.12
N ALA A 82 15.27 -18.34 15.40
CA ALA A 82 16.28 -19.19 16.00
C ALA A 82 15.65 -20.17 17.00
N CYS A 83 16.10 -21.43 16.96
CA CYS A 83 15.60 -22.45 17.87
C CYS A 83 16.51 -22.59 19.08
N ASP A 84 15.94 -22.46 20.27
CA ASP A 84 16.64 -22.82 21.50
C ASP A 84 16.47 -24.31 21.72
N TRP A 85 17.51 -25.09 21.39
CA TRP A 85 17.45 -26.55 21.50
C TRP A 85 17.66 -27.05 22.92
N LEU A 86 18.05 -26.17 23.85
CA LEU A 86 18.30 -26.56 25.24
C LEU A 86 17.06 -26.31 26.09
N GLY A 87 16.57 -25.08 26.10
CA GLY A 87 15.37 -24.73 26.81
C GLY A 87 14.08 -25.00 26.07
N GLU A 88 14.18 -25.40 24.80
CA GLU A 88 13.03 -25.75 23.97
C GLU A 88 12.10 -24.55 23.80
N LYS A 89 12.65 -23.56 23.09
CA LYS A 89 11.98 -22.30 22.85
C LYS A 89 12.28 -21.85 21.43
N LEU A 90 11.39 -21.00 20.93
CA LEU A 90 11.51 -20.42 19.60
C LEU A 90 11.63 -18.91 19.73
N TYR A 91 12.65 -18.32 19.10
CA TYR A 91 12.86 -16.88 19.08
C TYR A 91 12.75 -16.38 17.65
N TRP A 92 12.21 -15.17 17.48
CA TRP A 92 12.18 -14.57 16.15
C TRP A 92 12.18 -13.06 16.24
N THR A 93 12.62 -12.44 15.15
CA THR A 93 12.58 -11.00 14.96
C THR A 93 11.49 -10.67 13.96
N ASP A 94 10.97 -9.45 14.05
CA ASP A 94 10.02 -8.95 13.05
C ASP A 94 10.33 -7.48 12.79
N SER A 95 10.73 -7.19 11.55
CA SER A 95 11.21 -5.87 11.16
C SER A 95 10.10 -4.90 10.82
N GLU A 96 8.86 -5.33 10.82
CA GLU A 96 7.76 -4.41 10.62
C GLU A 96 7.03 -4.10 11.91
N THR A 97 6.78 -5.11 12.76
CA THR A 97 6.22 -4.82 14.08
C THR A 97 7.27 -4.33 15.06
N ASN A 98 8.56 -4.47 14.69
CA ASN A 98 9.68 -4.00 15.51
C ASN A 98 9.71 -4.73 16.85
N ARG A 99 9.74 -6.06 16.79
CA ARG A 99 9.68 -6.85 18.00
C ARG A 99 10.66 -8.00 17.93
N ILE A 100 11.09 -8.46 19.10
CA ILE A 100 11.71 -9.77 19.27
C ILE A 100 10.85 -10.55 20.25
N GLU A 101 10.49 -11.79 19.88
CA GLU A 101 9.49 -12.57 20.60
C GLU A 101 10.01 -13.99 20.84
N VAL A 102 9.45 -14.63 21.86
CA VAL A 102 9.83 -15.99 22.21
C VAL A 102 8.56 -16.79 22.44
N SER A 103 8.61 -18.09 22.16
CA SER A 103 7.51 -19.00 22.48
C SER A 103 8.05 -20.40 22.74
N ASN A 104 7.17 -21.30 23.17
CA ASN A 104 7.53 -22.71 23.18
C ASN A 104 7.70 -23.22 21.74
N LEU A 105 8.27 -24.42 21.62
CA LEU A 105 8.51 -24.98 20.31
C LEU A 105 7.22 -25.22 19.54
N ASP A 106 6.08 -25.36 20.21
CA ASP A 106 4.81 -25.52 19.52
C ASP A 106 4.08 -24.19 19.34
N GLY A 107 4.74 -23.08 19.63
CA GLY A 107 4.15 -21.76 19.47
C GLY A 107 3.36 -21.25 20.65
N SER A 108 3.21 -22.06 21.70
CA SER A 108 2.37 -21.64 22.81
C SER A 108 3.13 -20.65 23.70
N LEU A 109 2.36 -19.94 24.52
CA LEU A 109 2.91 -19.06 25.54
C LEU A 109 3.83 -18.01 24.93
N ARG A 110 3.38 -17.39 23.83
CA ARG A 110 4.15 -16.32 23.19
C ARG A 110 4.35 -15.13 24.12
N LYS A 111 5.56 -14.57 24.08
CA LYS A 111 5.90 -13.38 24.87
C LYS A 111 6.79 -12.44 24.07
N VAL A 112 6.39 -11.17 23.99
CA VAL A 112 7.26 -10.16 23.37
C VAL A 112 8.36 -9.78 24.34
N LEU A 113 9.62 -9.99 23.94
CA LEU A 113 10.75 -9.73 24.84
C LEU A 113 11.32 -8.33 24.68
N PHE A 114 11.45 -7.85 23.44
CA PHE A 114 11.99 -6.53 23.14
C PHE A 114 11.09 -5.88 22.12
N TRP A 115 10.81 -4.59 22.35
CA TRP A 115 9.91 -3.85 21.48
C TRP A 115 10.41 -2.44 21.24
N GLN A 116 11.52 -2.04 21.86
CA GLN A 116 12.05 -0.69 21.81
C GLN A 116 13.41 -0.69 21.12
N GLU A 117 13.71 0.41 20.44
CA GLU A 117 15.01 0.61 19.78
C GLU A 117 15.31 -0.55 18.83
N LEU A 118 14.26 -1.07 18.21
CA LEU A 118 14.36 -2.01 17.11
C LEU A 118 13.83 -1.31 15.87
N ASP A 119 14.64 -1.29 14.82
CA ASP A 119 14.25 -0.62 13.58
C ASP A 119 14.21 -1.61 12.43
N GLN A 120 15.32 -2.29 12.13
CA GLN A 120 15.31 -3.37 11.14
C GLN A 120 16.03 -4.57 11.73
N PRO A 121 15.47 -5.16 12.79
CA PRO A 121 16.09 -6.36 13.36
C PRO A 121 16.06 -7.47 12.32
N ARG A 122 17.10 -8.32 12.34
CA ARG A 122 17.23 -9.32 11.30
C ARG A 122 17.74 -10.63 11.89
N ALA A 123 19.04 -10.88 11.79
CA ALA A 123 19.58 -12.18 12.19
C ALA A 123 19.54 -12.33 13.71
N ILE A 124 19.40 -13.57 14.17
CA ILE A 124 19.35 -13.88 15.60
C ILE A 124 20.01 -15.23 15.83
N ALA A 125 20.89 -15.29 16.82
CA ALA A 125 21.69 -16.47 17.10
C ALA A 125 21.70 -16.69 18.61
N LEU A 126 21.62 -17.95 19.02
CA LEU A 126 21.41 -18.28 20.43
C LEU A 126 22.63 -19.03 20.99
N ASP A 127 22.96 -18.75 22.26
CA ASP A 127 23.96 -19.49 23.00
C ASP A 127 23.25 -19.99 24.25
N PRO A 128 22.40 -21.02 24.10
CA PRO A 128 21.52 -21.41 25.22
C PRO A 128 22.24 -21.84 26.49
N SER A 129 23.46 -22.40 26.38
CA SER A 129 24.24 -22.81 27.55
C SER A 129 24.75 -21.63 28.37
N SER A 130 24.88 -20.45 27.76
CA SER A 130 25.28 -19.24 28.46
C SER A 130 24.10 -18.29 28.68
N GLY A 131 22.91 -18.65 28.21
CA GLY A 131 21.75 -17.81 28.39
C GLY A 131 21.76 -16.50 27.64
N PHE A 132 22.55 -16.36 26.58
CA PHE A 132 22.64 -15.13 25.80
C PHE A 132 22.10 -15.32 24.39
N MET A 133 21.44 -14.29 23.87
CA MET A 133 21.02 -14.18 22.48
C MET A 133 21.67 -12.96 21.84
N TYR A 134 21.87 -13.04 20.52
CA TYR A 134 22.54 -12.01 19.74
C TYR A 134 21.68 -11.72 18.53
N TRP A 135 21.56 -10.45 18.14
CA TRP A 135 20.81 -10.15 16.93
C TRP A 135 21.38 -8.92 16.24
N THR A 136 21.05 -8.78 14.96
CA THR A 136 21.53 -7.66 14.17
C THR A 136 20.37 -6.72 13.89
N ASP A 137 20.71 -5.47 13.57
CA ASP A 137 19.72 -4.46 13.22
C ASP A 137 20.38 -3.60 12.15
N TRP A 138 19.84 -3.64 10.91
CA TRP A 138 20.39 -2.86 9.80
C TRP A 138 19.65 -1.54 9.59
N GLY A 139 18.92 -1.06 10.61
CA GLY A 139 18.09 0.12 10.49
C GLY A 139 18.85 1.43 10.64
N GLU A 140 18.12 2.47 11.08
CA GLU A 140 18.69 3.82 11.12
C GLU A 140 19.96 3.87 11.96
N VAL A 141 19.96 3.20 13.11
CA VAL A 141 21.14 3.07 13.95
C VAL A 141 21.60 1.62 13.87
N PRO A 142 22.46 1.25 12.92
CA PRO A 142 22.79 -0.17 12.73
C PRO A 142 23.64 -0.69 13.88
N LYS A 143 23.40 -1.93 14.29
CA LYS A 143 24.09 -2.43 15.48
C LYS A 143 23.97 -3.95 15.57
N ILE A 144 24.83 -4.52 16.41
CA ILE A 144 24.71 -5.87 16.92
C ILE A 144 24.48 -5.77 18.41
N GLU A 145 23.44 -6.44 18.91
CA GLU A 145 23.16 -6.42 20.33
C GLU A 145 23.22 -7.84 20.90
N ARG A 146 23.31 -7.87 22.22
CA ARG A 146 23.30 -9.11 22.98
C ARG A 146 22.37 -8.88 24.17
N ALA A 147 21.66 -9.93 24.57
CA ALA A 147 20.84 -9.85 25.78
C ALA A 147 20.64 -11.25 26.34
N GLY A 148 20.13 -11.30 27.56
CA GLY A 148 19.66 -12.55 28.10
C GLY A 148 18.53 -13.11 27.25
N MET A 149 18.49 -14.44 27.18
CA MET A 149 17.41 -15.11 26.49
C MET A 149 16.09 -15.03 27.26
N ASP A 150 16.15 -14.47 28.47
CA ASP A 150 14.98 -14.13 29.26
C ASP A 150 14.62 -12.67 29.09
N GLY A 151 15.29 -11.96 28.19
CA GLY A 151 14.96 -10.58 27.99
C GLY A 151 15.71 -9.62 28.87
N SER A 152 16.72 -10.09 29.60
CA SER A 152 17.45 -9.27 30.56
C SER A 152 18.77 -8.78 29.95
N SER A 153 19.31 -7.72 30.56
CA SER A 153 20.71 -7.31 30.34
C SER A 153 21.02 -7.05 28.87
N ARG A 154 20.20 -6.21 28.24
CA ARG A 154 20.38 -5.89 26.83
C ARG A 154 21.56 -4.93 26.64
N PHE A 155 22.44 -5.23 25.70
CA PHE A 155 23.64 -4.44 25.53
C PHE A 155 24.02 -4.38 24.06
N ILE A 156 24.44 -3.21 23.60
CA ILE A 156 24.99 -3.07 22.25
C ILE A 156 26.45 -3.48 22.28
N ILE A 157 26.83 -4.46 21.46
CA ILE A 157 28.22 -4.92 21.46
C ILE A 157 29.00 -4.42 20.24
N ILE A 158 28.34 -4.12 19.13
CA ILE A 158 29.01 -3.58 17.94
C ILE A 158 28.17 -2.44 17.42
N ASN A 159 28.73 -1.23 17.39
CA ASN A 159 27.98 -0.09 16.87
C ASN A 159 28.82 0.79 15.96
N SER A 160 30.02 0.37 15.60
CA SER A 160 30.90 1.11 14.71
C SER A 160 31.23 0.24 13.50
N GLU A 161 31.55 0.90 12.38
CA GLU A 161 31.85 0.23 11.12
C GLU A 161 30.81 -0.85 10.78
N ILE A 162 29.55 -0.42 10.73
CA ILE A 162 28.44 -1.34 10.55
C ILE A 162 27.35 -0.60 9.78
N TYR A 163 26.65 -1.34 8.92
CA TYR A 163 25.70 -0.68 8.05
C TYR A 163 24.53 -1.61 7.72
N TRP A 164 24.78 -2.67 6.94
CA TRP A 164 23.77 -3.70 6.71
C TRP A 164 24.24 -5.02 7.31
N PRO A 165 24.18 -5.16 8.65
CA PRO A 165 24.58 -6.45 9.24
C PRO A 165 23.50 -7.49 9.04
N ASN A 166 23.60 -8.27 7.96
CA ASN A 166 22.53 -9.20 7.57
C ASN A 166 22.68 -10.57 8.21
N GLY A 167 23.89 -11.10 8.28
CA GLY A 167 24.12 -12.46 8.75
C GLY A 167 24.87 -12.46 10.07
N LEU A 168 24.57 -13.44 10.91
CA LEU A 168 25.20 -13.55 12.22
C LEU A 168 25.24 -15.02 12.64
N THR A 169 26.39 -15.48 13.15
CA THR A 169 26.43 -16.81 13.73
C THR A 169 27.44 -16.86 14.86
N LEU A 170 27.42 -17.97 15.60
CA LEU A 170 28.31 -18.23 16.72
C LEU A 170 29.16 -19.46 16.43
N ASP A 171 30.36 -19.42 16.98
CA ASP A 171 31.28 -20.55 17.02
C ASP A 171 31.29 -20.98 18.48
N TYR A 172 30.53 -22.04 18.78
CA TYR A 172 30.46 -22.56 20.14
C TYR A 172 31.76 -23.19 20.59
N GLU A 173 32.62 -23.63 19.66
CA GLU A 173 33.86 -24.25 20.06
C GLU A 173 34.89 -23.21 20.51
N GLU A 174 34.99 -22.10 19.78
CA GLU A 174 35.98 -21.07 20.06
C GLU A 174 35.39 -19.82 20.71
N GLN A 175 34.10 -19.85 21.04
CA GLN A 175 33.41 -18.73 21.68
C GLN A 175 33.61 -17.43 20.89
N LYS A 176 33.25 -17.50 19.60
CA LYS A 176 33.41 -16.38 18.68
C LYS A 176 32.09 -16.05 18.00
N LEU A 177 31.96 -14.78 17.64
CA LEU A 177 30.81 -14.24 16.93
C LEU A 177 31.28 -13.82 15.54
N TYR A 178 30.52 -14.22 14.50
CA TYR A 178 30.80 -13.84 13.12
C TYR A 178 29.59 -13.15 12.51
N TRP A 179 29.84 -12.13 11.67
CA TRP A 179 28.74 -11.48 10.96
C TRP A 179 29.21 -10.95 9.60
N ALA A 180 28.22 -10.77 8.73
CA ALA A 180 28.44 -10.32 7.36
C ALA A 180 27.73 -8.99 7.18
N ASP A 181 28.43 -8.01 6.62
CA ASP A 181 27.83 -6.72 6.31
C ASP A 181 27.69 -6.57 4.81
N ALA A 182 26.44 -6.44 4.34
CA ALA A 182 26.14 -6.40 2.91
C ALA A 182 26.39 -5.03 2.28
N LYS A 183 26.50 -3.96 3.09
CA LYS A 183 26.95 -2.67 2.55
C LYS A 183 28.48 -2.53 2.55
N LEU A 184 29.14 -2.87 3.65
CA LEU A 184 30.57 -2.63 3.78
C LEU A 184 31.41 -3.77 3.19
N ASN A 185 30.76 -4.80 2.65
CA ASN A 185 31.40 -5.84 1.84
C ASN A 185 32.49 -6.56 2.65
N PHE A 186 32.07 -7.18 3.76
CA PHE A 186 33.04 -7.96 4.53
C PHE A 186 32.33 -8.91 5.49
N ILE A 187 33.10 -9.87 5.99
CA ILE A 187 32.72 -10.70 7.13
C ILE A 187 33.72 -10.41 8.24
N HIS A 188 33.21 -10.13 9.44
CA HIS A 188 34.04 -9.86 10.60
C HIS A 188 33.75 -10.88 11.70
N LYS A 189 34.69 -10.99 12.64
CA LYS A 189 34.54 -11.84 13.82
C LYS A 189 35.00 -11.11 15.06
N SER A 190 34.50 -11.55 16.21
CA SER A 190 34.87 -10.97 17.51
C SER A 190 34.58 -12.00 18.61
N ASN A 191 35.07 -11.69 19.82
CA ASN A 191 34.58 -12.40 21.00
C ASN A 191 33.10 -12.09 21.20
N LEU A 192 32.49 -12.76 22.18
CA LEU A 192 31.06 -12.63 22.38
C LEU A 192 30.65 -11.28 22.94
N ASP A 193 31.59 -10.51 23.51
CA ASP A 193 31.30 -9.17 23.98
C ASP A 193 31.72 -8.09 22.99
N GLY A 194 32.11 -8.48 21.78
CA GLY A 194 32.51 -7.54 20.75
C GLY A 194 34.00 -7.26 20.65
N THR A 195 34.78 -7.60 21.68
CA THR A 195 36.18 -7.24 21.71
C THR A 195 37.02 -8.09 20.76
N ASN A 196 38.24 -7.63 20.49
CA ASN A 196 39.17 -8.31 19.58
C ASN A 196 38.50 -8.57 18.22
N ARG A 197 37.86 -7.53 17.68
CA ARG A 197 37.25 -7.65 16.37
C ARG A 197 38.32 -7.81 15.29
N GLN A 198 38.09 -8.75 14.37
CA GLN A 198 39.05 -9.07 13.33
C GLN A 198 38.32 -9.23 11.99
N ALA A 199 38.97 -8.79 10.91
CA ALA A 199 38.42 -8.98 9.57
C ALA A 199 38.72 -10.40 9.10
N VAL A 200 37.73 -11.06 8.53
CA VAL A 200 37.95 -12.41 8.01
C VAL A 200 38.14 -12.36 6.50
N VAL A 201 37.13 -11.85 5.78
CA VAL A 201 37.21 -11.67 4.33
C VAL A 201 36.60 -10.32 3.99
N LYS A 202 37.12 -9.69 2.93
CA LYS A 202 36.71 -8.32 2.60
C LYS A 202 36.70 -8.13 1.08
N GLY A 203 35.52 -7.90 0.50
CA GLY A 203 35.40 -7.42 -0.87
C GLY A 203 34.68 -8.34 -1.84
N SER A 204 34.51 -9.63 -1.52
CA SER A 204 33.89 -10.58 -2.42
C SER A 204 32.43 -10.85 -2.08
N LEU A 205 31.77 -9.88 -1.45
CA LEU A 205 30.44 -10.08 -0.86
C LEU A 205 29.51 -8.99 -1.37
N PRO A 206 28.99 -9.15 -2.59
CA PRO A 206 28.03 -8.18 -3.14
C PRO A 206 26.80 -7.99 -2.29
N HIS A 207 26.18 -9.08 -1.82
CA HIS A 207 24.97 -8.93 -1.05
C HIS A 207 24.75 -10.16 -0.18
N PRO A 208 25.65 -10.42 0.77
CA PRO A 208 25.43 -11.56 1.67
C PRO A 208 24.17 -11.35 2.49
N PHE A 209 23.44 -12.43 2.73
CA PHE A 209 22.24 -12.36 3.56
C PHE A 209 22.37 -13.14 4.86
N ALA A 210 22.71 -14.42 4.84
CA ALA A 210 22.77 -15.24 6.05
C ALA A 210 24.08 -16.01 6.09
N LEU A 211 24.58 -16.24 7.30
CA LEU A 211 25.90 -16.80 7.55
C LEU A 211 25.80 -17.95 8.54
N THR A 212 26.58 -19.03 8.29
CA THR A 212 26.65 -20.17 9.19
C THR A 212 28.08 -20.67 9.21
N LEU A 213 28.31 -21.79 9.91
CA LEU A 213 29.67 -22.23 10.19
C LEU A 213 29.66 -23.72 10.52
N PHE A 214 30.71 -24.42 10.11
CA PHE A 214 30.90 -25.81 10.49
C PHE A 214 32.39 -26.13 10.45
N GLU A 215 32.93 -26.60 11.57
CA GLU A 215 34.36 -26.89 11.73
C GLU A 215 35.13 -25.61 11.39
N ASP A 216 36.07 -25.62 10.44
CA ASP A 216 36.86 -24.43 10.16
C ASP A 216 36.38 -23.68 8.91
N ILE A 217 35.10 -23.78 8.55
CA ILE A 217 34.60 -23.18 7.30
C ILE A 217 33.35 -22.35 7.60
N LEU A 218 33.33 -21.12 7.08
CA LEU A 218 32.13 -20.30 7.06
C LEU A 218 31.36 -20.54 5.77
N TYR A 219 30.04 -20.53 5.85
CA TYR A 219 29.20 -20.64 4.66
C TYR A 219 28.16 -19.53 4.68
N TRP A 220 27.91 -18.90 3.53
CA TRP A 220 26.91 -17.85 3.50
C TRP A 220 26.16 -17.83 2.17
N THR A 221 24.94 -17.28 2.21
CA THR A 221 24.13 -17.05 1.02
C THR A 221 24.31 -15.62 0.55
N ASP A 222 24.23 -15.41 -0.76
CA ASP A 222 24.39 -14.09 -1.34
C ASP A 222 23.28 -13.82 -2.35
N TRP A 223 22.55 -12.72 -2.13
CA TRP A 223 21.36 -12.39 -2.92
C TRP A 223 21.70 -11.99 -4.34
N SER A 224 22.86 -11.37 -4.54
CA SER A 224 23.21 -10.91 -5.87
C SER A 224 23.83 -12.02 -6.73
N THR A 225 24.57 -12.96 -6.13
CA THR A 225 25.15 -14.05 -6.93
C THR A 225 24.28 -15.29 -6.95
N HIS A 226 23.18 -15.31 -6.18
CA HIS A 226 22.27 -16.45 -6.13
C HIS A 226 23.04 -17.76 -5.87
N SER A 227 23.87 -17.73 -4.84
CA SER A 227 24.74 -18.87 -4.57
C SER A 227 25.08 -18.92 -3.09
N ILE A 228 25.66 -20.05 -2.70
CA ILE A 228 26.26 -20.22 -1.38
C ILE A 228 27.77 -20.22 -1.56
N LEU A 229 28.45 -19.40 -0.76
CA LEU A 229 29.90 -19.30 -0.81
C LEU A 229 30.50 -19.82 0.49
N ALA A 230 31.82 -19.99 0.49
CA ALA A 230 32.50 -20.55 1.65
C ALA A 230 33.93 -20.07 1.71
N CYS A 231 34.48 -19.97 2.92
CA CYS A 231 35.89 -19.65 3.09
C CYS A 231 36.36 -20.18 4.43
N ASN A 232 37.66 -20.10 4.66
CA ASN A 232 38.24 -20.49 5.94
C ASN A 232 37.88 -19.47 7.01
N LYS A 233 37.50 -19.99 8.20
CA LYS A 233 36.97 -19.14 9.26
C LYS A 233 38.03 -18.27 9.94
N TYR A 234 39.31 -18.62 9.84
CA TYR A 234 40.39 -17.85 10.47
C TYR A 234 41.04 -16.85 9.54
N THR A 235 41.28 -17.25 8.29
CA THR A 235 42.04 -16.45 7.35
C THR A 235 41.20 -15.87 6.22
N GLY A 236 40.02 -16.42 5.95
CA GLY A 236 39.26 -16.08 4.77
C GLY A 236 39.78 -16.66 3.47
N GLU A 237 40.85 -17.48 3.53
CA GLU A 237 41.41 -18.06 2.32
C GLU A 237 40.49 -19.14 1.76
N GLY A 238 40.77 -19.53 0.52
CA GLY A 238 39.99 -20.57 -0.13
C GLY A 238 38.56 -20.20 -0.43
N LEU A 239 38.25 -18.90 -0.52
CA LEU A 239 36.91 -18.47 -0.91
C LEU A 239 36.50 -19.13 -2.23
N ARG A 240 35.31 -19.72 -2.24
CA ARG A 240 34.82 -20.47 -3.40
C ARG A 240 33.30 -20.58 -3.31
N GLU A 241 32.69 -20.93 -4.43
CA GLU A 241 31.24 -21.11 -4.54
C GLU A 241 30.91 -22.58 -4.38
N ILE A 242 30.07 -22.89 -3.40
CA ILE A 242 29.66 -24.25 -3.10
C ILE A 242 28.54 -24.70 -4.04
N HIS A 243 27.55 -23.85 -4.26
CA HIS A 243 26.30 -24.18 -4.92
C HIS A 243 25.78 -22.92 -5.60
N SER A 244 25.43 -23.01 -6.88
CA SER A 244 25.06 -21.82 -7.65
C SER A 244 23.66 -21.97 -8.26
N ASP A 245 23.23 -20.93 -8.99
CA ASP A 245 21.92 -20.84 -9.64
C ASP A 245 20.78 -21.23 -8.70
N ILE A 246 20.77 -20.64 -7.56
CA ILE A 246 19.69 -20.82 -6.60
C ILE A 246 18.65 -19.75 -6.87
N PHE A 247 17.36 -20.14 -6.92
CA PHE A 247 16.28 -19.20 -7.24
C PHE A 247 16.35 -17.94 -6.38
N SER A 248 16.37 -18.09 -5.04
CA SER A 248 16.38 -16.97 -4.11
C SER A 248 16.88 -17.44 -2.74
N PRO A 249 18.19 -17.63 -2.59
CA PRO A 249 18.74 -18.11 -1.32
C PRO A 249 18.45 -17.13 -0.19
N MET A 250 18.01 -17.67 0.96
CA MET A 250 17.68 -16.86 2.13
C MET A 250 18.53 -17.34 3.33
N ASP A 251 17.90 -17.68 4.46
CA ASP A 251 18.63 -18.09 5.66
C ASP A 251 19.31 -19.45 5.43
N ILE A 252 20.36 -19.73 6.20
CA ILE A 252 21.15 -20.95 6.01
C ILE A 252 21.75 -21.42 7.35
N HIS A 253 21.83 -22.75 7.51
CA HIS A 253 22.46 -23.37 8.68
C HIS A 253 23.24 -24.61 8.27
N ALA A 254 24.34 -24.86 8.98
CA ALA A 254 24.96 -26.17 8.98
C ALA A 254 24.06 -27.14 9.75
N PHE A 255 23.49 -28.12 9.03
CA PHE A 255 22.46 -29.00 9.57
C PHE A 255 23.17 -30.19 10.22
N SER A 256 23.43 -30.08 11.53
CA SER A 256 24.23 -31.07 12.23
C SER A 256 23.92 -31.03 13.71
N GLN A 257 23.93 -32.20 14.34
CA GLN A 257 23.81 -32.27 15.79
C GLN A 257 24.97 -31.57 16.49
N GLN A 258 26.16 -31.55 15.86
CA GLN A 258 27.31 -30.91 16.49
C GLN A 258 27.17 -29.39 16.56
N ARG A 259 26.26 -28.81 15.79
CA ARG A 259 26.00 -27.38 15.85
C ARG A 259 24.95 -27.02 16.90
N GLN A 260 24.49 -27.99 17.67
CA GLN A 260 23.59 -27.77 18.81
C GLN A 260 24.14 -28.61 19.95
N PRO A 261 25.21 -28.15 20.60
CA PRO A 261 25.88 -28.98 21.63
C PRO A 261 24.97 -29.19 22.82
N ASN A 262 25.00 -30.41 23.36
CA ASN A 262 24.14 -30.75 24.48
C ASN A 262 24.74 -30.21 25.77
N ALA A 263 23.87 -29.75 26.66
CA ALA A 263 24.25 -29.31 27.99
C ALA A 263 23.08 -29.54 28.94
N THR A 264 23.33 -29.30 30.22
CA THR A 264 22.28 -29.43 31.23
C THR A 264 21.28 -28.32 31.08
N ASN A 265 20.00 -28.67 31.07
CA ASN A 265 18.95 -27.67 31.07
C ASN A 265 18.77 -27.14 32.48
N PRO A 266 19.02 -25.86 32.74
CA PRO A 266 18.87 -25.35 34.13
C PRO A 266 17.44 -25.45 34.64
N CYS A 267 16.44 -25.51 33.76
CA CYS A 267 15.05 -25.69 34.15
C CYS A 267 14.78 -27.06 34.77
N GLY A 268 15.71 -28.00 34.66
CA GLY A 268 15.50 -29.33 35.21
C GLY A 268 14.41 -30.08 34.48
N ILE A 269 13.68 -30.91 35.22
CA ILE A 269 12.55 -31.66 34.67
C ILE A 269 11.22 -31.11 35.15
N ASP A 270 11.20 -30.02 35.92
CA ASP A 270 9.98 -29.42 36.45
C ASP A 270 9.76 -28.02 35.90
N ASN A 271 10.35 -27.71 34.73
CA ASN A 271 10.15 -26.42 34.09
C ASN A 271 10.54 -25.28 35.03
N GLY A 272 11.57 -25.51 35.84
CA GLY A 272 12.09 -24.51 36.76
C GLY A 272 11.12 -24.14 37.88
N GLY A 273 10.01 -24.88 38.00
CA GLY A 273 8.91 -24.44 38.84
C GLY A 273 8.08 -23.34 38.22
N CYS A 274 8.36 -22.94 37.00
CA CYS A 274 7.61 -21.88 36.34
C CYS A 274 6.26 -22.41 35.89
N SER A 275 5.21 -21.64 36.15
CA SER A 275 3.89 -22.02 35.67
C SER A 275 3.79 -21.99 34.15
N HIS A 276 4.58 -21.13 33.49
CA HIS A 276 4.49 -20.99 32.04
C HIS A 276 5.84 -21.14 31.34
N LEU A 277 6.50 -20.03 31.01
CA LEU A 277 7.78 -20.08 30.29
C LEU A 277 8.95 -20.21 31.26
N CYS A 278 9.85 -21.16 30.99
CA CYS A 278 11.12 -21.25 31.70
C CYS A 278 12.22 -20.91 30.69
N LEU A 279 12.70 -19.67 30.74
CA LEU A 279 13.65 -19.17 29.75
C LEU A 279 15.08 -19.23 30.27
N MET A 280 16.01 -19.60 29.39
CA MET A 280 17.42 -19.54 29.73
C MET A 280 17.76 -18.11 30.13
N SER A 281 18.67 -17.98 31.10
CA SER A 281 19.11 -16.71 31.66
C SER A 281 20.61 -16.76 31.93
N PRO A 282 21.31 -15.65 31.74
CA PRO A 282 22.77 -15.64 31.89
C PRO A 282 23.28 -15.48 33.32
N VAL A 283 22.39 -15.38 34.30
CA VAL A 283 22.81 -15.31 35.69
C VAL A 283 22.18 -16.46 36.46
N LYS A 284 22.88 -16.95 37.49
CA LYS A 284 22.40 -17.95 38.43
C LYS A 284 20.94 -17.66 38.78
N PRO A 285 20.06 -18.68 38.78
CA PRO A 285 20.31 -20.11 38.53
C PRO A 285 20.25 -20.50 37.05
N PHE A 286 20.36 -19.51 36.16
CA PHE A 286 20.51 -19.68 34.72
C PHE A 286 19.20 -20.06 34.03
N TYR A 287 18.09 -19.82 34.71
CA TYR A 287 16.77 -19.80 34.12
C TYR A 287 15.99 -18.67 34.79
N GLN A 288 14.87 -18.32 34.16
CA GLN A 288 14.03 -17.21 34.59
C GLN A 288 12.61 -17.53 34.16
N CYS A 289 11.66 -17.53 35.10
CA CYS A 289 10.28 -17.75 34.73
C CYS A 289 9.71 -16.54 34.02
N ALA A 290 8.83 -16.77 33.04
CA ALA A 290 8.22 -15.68 32.30
C ALA A 290 6.76 -16.05 31.99
N CYS A 291 6.04 -15.07 31.49
CA CYS A 291 4.60 -15.15 31.24
C CYS A 291 4.27 -14.66 29.84
N PRO A 292 3.16 -15.13 29.26
CA PRO A 292 2.74 -14.65 27.95
C PRO A 292 2.64 -13.12 27.92
N THR A 293 2.66 -12.61 26.71
CA THR A 293 2.56 -11.17 26.48
C THR A 293 1.41 -10.54 27.25
N GLY A 294 1.70 -9.47 27.98
CA GLY A 294 0.68 -8.75 28.73
C GLY A 294 0.33 -9.30 30.09
N VAL A 295 0.97 -10.39 30.54
CA VAL A 295 0.63 -11.06 31.78
C VAL A 295 1.73 -10.88 32.81
N LYS A 296 1.33 -10.58 34.05
CA LYS A 296 2.28 -10.30 35.12
C LYS A 296 2.66 -11.58 35.85
N LEU A 297 3.94 -11.67 36.23
CA LEU A 297 4.43 -12.73 37.08
C LEU A 297 4.23 -12.29 38.54
N LEU A 298 3.64 -13.16 39.35
CA LEU A 298 3.33 -12.85 40.76
C LEU A 298 4.61 -12.74 41.60
N GLU A 299 4.41 -12.59 42.92
CA GLU A 299 5.51 -12.30 43.84
C GLU A 299 6.50 -13.45 43.94
N ASN A 300 6.01 -14.70 43.90
CA ASN A 300 6.92 -15.84 44.03
C ASN A 300 7.88 -15.97 42.84
N GLY A 301 7.78 -15.10 41.84
CA GLY A 301 8.69 -15.14 40.70
C GLY A 301 8.57 -16.37 39.85
N LYS A 302 7.50 -17.15 40.03
CA LYS A 302 7.34 -18.41 39.33
C LYS A 302 5.97 -18.53 38.67
N THR A 303 4.94 -17.98 39.29
CA THR A 303 3.56 -18.21 38.86
C THR A 303 2.99 -16.98 38.16
N CYS A 304 2.49 -17.18 36.94
CA CYS A 304 1.82 -16.12 36.20
C CYS A 304 0.40 -15.90 36.75
N LYS A 305 -0.05 -14.66 36.64
CA LYS A 305 -1.47 -14.37 36.75
C LYS A 305 -2.24 -15.06 35.62
N ASP A 306 -3.57 -15.08 35.77
CA ASP A 306 -4.46 -15.65 34.76
C ASP A 306 -4.83 -14.52 33.82
N GLY A 307 -4.01 -14.33 32.79
CA GLY A 307 -4.28 -13.30 31.81
C GLY A 307 -4.07 -11.89 32.34
N ALA A 308 -4.29 -10.92 31.46
CA ALA A 308 -4.25 -9.52 31.85
C ALA A 308 -5.48 -9.17 32.69
N THR A 309 -5.27 -8.34 33.72
CA THR A 309 -6.40 -7.86 34.52
C THR A 309 -7.15 -6.74 33.82
N GLU A 310 -6.44 -5.92 33.03
CA GLU A 310 -7.01 -4.77 32.37
C GLU A 310 -6.58 -4.77 30.91
N LEU A 311 -7.50 -4.42 30.03
CA LEU A 311 -7.25 -4.35 28.59
C LEU A 311 -7.70 -3.01 28.04
N LEU A 312 -6.96 -2.54 27.05
CA LEU A 312 -7.39 -1.48 26.16
C LEU A 312 -7.88 -2.13 24.87
N LEU A 313 -9.15 -1.91 24.53
CA LEU A 313 -9.77 -2.50 23.35
C LEU A 313 -9.90 -1.45 22.24
N LEU A 314 -9.44 -1.80 21.04
CA LEU A 314 -9.35 -0.84 19.95
C LEU A 314 -10.15 -1.32 18.75
N ALA A 315 -10.96 -0.44 18.18
CA ALA A 315 -11.51 -0.62 16.85
C ALA A 315 -10.62 0.11 15.85
N ARG A 316 -10.12 -0.63 14.86
N ARG A 316 -10.27 -0.57 14.75
CA ARG A 316 -9.57 -0.02 13.66
CA ARG A 316 -9.29 0.02 13.83
C ARG A 316 -10.57 -0.24 12.54
C ARG A 316 -9.71 -0.21 12.38
N ARG A 317 -10.34 0.40 11.41
N ARG A 317 -10.97 0.13 12.05
CA ARG A 317 -11.28 0.27 10.29
CA ARG A 317 -11.53 0.05 10.69
C ARG A 317 -11.42 -1.20 9.86
C ARG A 317 -11.57 -1.37 10.13
N THR A 318 -10.32 -1.92 9.72
N THR A 318 -10.41 -1.95 9.78
CA THR A 318 -10.35 -3.27 9.15
CA THR A 318 -10.38 -3.28 9.17
C THR A 318 -10.03 -4.38 10.15
C THR A 318 -10.03 -4.38 10.15
N ASP A 319 -9.75 -4.04 11.41
CA ASP A 319 -9.54 -5.05 12.44
C ASP A 319 -9.85 -4.44 13.80
N LEU A 320 -9.92 -5.32 14.80
CA LEU A 320 -9.96 -4.95 16.21
C LEU A 320 -8.71 -5.49 16.90
N ARG A 321 -8.27 -4.78 17.93
CA ARG A 321 -7.08 -5.14 18.68
C ARG A 321 -7.30 -5.01 20.18
N ARG A 322 -6.54 -5.80 20.95
CA ARG A 322 -6.49 -5.65 22.40
C ARG A 322 -5.05 -5.42 22.84
N ILE A 323 -4.90 -4.57 23.86
CA ILE A 323 -3.60 -4.24 24.43
C ILE A 323 -3.72 -4.40 25.94
N SER A 324 -2.91 -5.29 26.52
CA SER A 324 -2.88 -5.42 27.99
C SER A 324 -2.38 -4.12 28.60
N LEU A 325 -2.99 -3.73 29.73
CA LEU A 325 -2.51 -2.58 30.49
C LEU A 325 -1.67 -2.99 31.70
N ASP A 326 -1.31 -4.28 31.80
CA ASP A 326 -0.63 -4.82 32.97
C ASP A 326 0.89 -4.69 32.90
N THR A 327 1.44 -4.61 31.70
CA THR A 327 2.88 -4.68 31.47
C THR A 327 3.27 -3.48 30.64
N PRO A 328 4.55 -3.09 30.66
CA PRO A 328 4.95 -1.82 30.01
C PRO A 328 5.05 -1.87 28.50
N ASP A 329 4.91 -3.03 27.84
CA ASP A 329 5.23 -3.13 26.42
C ASP A 329 4.07 -2.67 25.52
N PHE A 330 2.82 -2.80 25.99
CA PHE A 330 1.65 -2.31 25.26
C PHE A 330 1.59 -2.92 23.87
N THR A 331 1.71 -4.24 23.82
CA THR A 331 1.66 -4.97 22.57
C THR A 331 0.22 -5.07 22.05
N ASP A 332 -0.04 -4.58 20.83
CA ASP A 332 -1.38 -4.70 20.27
C ASP A 332 -1.53 -6.05 19.57
N ILE A 333 -2.54 -6.81 19.97
CA ILE A 333 -2.79 -8.14 19.45
C ILE A 333 -4.08 -8.08 18.63
N VAL A 334 -4.03 -8.57 17.39
CA VAL A 334 -5.18 -8.44 16.51
C VAL A 334 -6.14 -9.60 16.75
N LEU A 335 -7.43 -9.29 16.87
CA LEU A 335 -8.45 -10.31 17.08
C LEU A 335 -8.71 -11.06 15.80
N GLN A 336 -8.96 -12.36 15.91
CA GLN A 336 -9.24 -13.21 14.76
C GLN A 336 -10.74 -13.11 14.45
N LEU A 337 -11.09 -12.19 13.57
CA LEU A 337 -12.49 -11.87 13.26
C LEU A 337 -12.73 -11.98 11.77
N GLU A 338 -13.99 -12.23 11.41
CA GLU A 338 -14.41 -12.38 10.03
C GLU A 338 -15.05 -11.08 9.55
N ASP A 339 -14.70 -10.66 8.34
CA ASP A 339 -15.46 -9.65 7.58
C ASP A 339 -15.56 -8.31 8.32
N ILE A 340 -14.44 -7.83 8.83
CA ILE A 340 -14.38 -6.52 9.48
C ILE A 340 -14.06 -5.49 8.41
N ARG A 341 -15.04 -4.65 8.06
CA ARG A 341 -14.95 -3.71 6.93
C ARG A 341 -14.70 -2.26 7.36
N HIS A 342 -15.45 -1.76 8.33
CA HIS A 342 -15.24 -0.39 8.80
C HIS A 342 -15.76 -0.28 10.22
N ALA A 343 -15.02 -0.90 11.15
CA ALA A 343 -15.39 -0.89 12.56
C ALA A 343 -15.16 0.50 13.13
N ILE A 344 -16.08 0.96 13.97
CA ILE A 344 -16.04 2.34 14.45
C ILE A 344 -16.05 2.39 15.98
N ALA A 345 -17.17 2.03 16.63
CA ALA A 345 -17.27 2.17 18.08
C ALA A 345 -17.17 0.82 18.76
N ILE A 346 -16.79 0.84 20.03
CA ILE A 346 -16.46 -0.40 20.74
C ILE A 346 -16.78 -0.23 22.21
N ASP A 347 -17.26 -1.31 22.82
CA ASP A 347 -17.35 -1.39 24.28
C ASP A 347 -17.23 -2.86 24.66
N TYR A 348 -17.41 -3.15 25.95
CA TYR A 348 -17.10 -4.48 26.47
C TYR A 348 -17.94 -4.78 27.72
N ASP A 349 -18.45 -6.02 27.80
CA ASP A 349 -19.19 -6.54 28.95
C ASP A 349 -18.30 -7.47 29.76
N PRO A 350 -17.81 -7.05 30.93
CA PRO A 350 -16.95 -7.96 31.71
C PRO A 350 -17.68 -9.18 32.27
N VAL A 351 -19.00 -9.15 32.41
CA VAL A 351 -19.71 -10.29 33.00
C VAL A 351 -19.56 -11.53 32.12
N GLU A 352 -19.89 -11.40 30.82
CA GLU A 352 -19.79 -12.53 29.91
C GLU A 352 -18.52 -12.47 29.05
N GLY A 353 -17.81 -11.36 29.08
CA GLY A 353 -16.57 -11.25 28.32
C GLY A 353 -16.76 -10.94 26.85
N TYR A 354 -17.88 -10.31 26.47
CA TYR A 354 -18.14 -9.97 25.09
C TYR A 354 -17.69 -8.54 24.77
N ILE A 355 -16.88 -8.39 23.72
CA ILE A 355 -16.69 -7.10 23.06
C ILE A 355 -17.86 -6.82 22.13
N TYR A 356 -18.36 -5.59 22.13
CA TYR A 356 -19.38 -5.17 21.16
C TYR A 356 -18.81 -4.09 20.26
N TRP A 357 -19.07 -4.16 18.96
CA TRP A 357 -18.55 -3.10 18.09
C TRP A 357 -19.53 -2.85 16.93
N THR A 358 -19.43 -1.64 16.37
CA THR A 358 -20.29 -1.19 15.28
C THR A 358 -19.47 -1.12 14.00
N ASP A 359 -20.17 -1.11 12.87
CA ASP A 359 -19.50 -1.10 11.56
C ASP A 359 -20.49 -0.52 10.58
N ASP A 360 -20.15 0.57 9.90
CA ASP A 360 -21.14 1.20 9.02
C ASP A 360 -20.99 0.77 7.56
N GLU A 361 -20.22 -0.27 7.29
CA GLU A 361 -20.17 -0.88 5.96
C GLU A 361 -20.84 -2.23 5.94
N VAL A 362 -20.47 -3.10 6.89
CA VAL A 362 -21.29 -4.26 7.23
C VAL A 362 -22.67 -3.81 7.67
N ARG A 363 -22.78 -2.62 8.26
CA ARG A 363 -24.00 -2.04 8.83
C ARG A 363 -24.62 -2.99 9.85
N ALA A 364 -23.86 -3.23 10.91
CA ALA A 364 -24.25 -4.20 11.93
C ALA A 364 -23.56 -3.88 13.25
N ILE A 365 -24.18 -4.33 14.31
CA ILE A 365 -23.53 -4.42 15.61
C ILE A 365 -23.21 -5.87 15.85
N ARG A 366 -21.99 -6.14 16.28
CA ARG A 366 -21.56 -7.53 16.47
C ARG A 366 -20.89 -7.63 17.83
N ARG A 367 -20.72 -8.87 18.30
CA ARG A 367 -19.97 -9.12 19.52
C ARG A 367 -19.10 -10.35 19.35
N SER A 368 -18.06 -10.46 20.18
CA SER A 368 -17.20 -11.64 20.23
C SER A 368 -16.47 -11.67 21.57
N PHE A 369 -15.77 -12.78 21.83
CA PHE A 369 -14.85 -12.82 22.96
C PHE A 369 -13.54 -12.09 22.59
N ILE A 370 -12.66 -11.94 23.58
CA ILE A 370 -11.54 -11.00 23.43
C ILE A 370 -10.48 -11.48 22.46
N ASP A 371 -10.61 -12.71 21.97
CA ASP A 371 -9.70 -13.21 20.94
C ASP A 371 -10.34 -13.27 19.56
N GLY A 372 -11.58 -12.81 19.42
CA GLY A 372 -12.33 -12.94 18.19
C GLY A 372 -13.21 -14.18 18.08
N SER A 373 -13.14 -15.13 19.02
CA SER A 373 -13.98 -16.31 18.97
C SER A 373 -15.39 -16.01 19.49
N GLY A 374 -16.33 -16.91 19.19
CA GLY A 374 -17.70 -16.70 19.61
C GLY A 374 -18.39 -15.53 18.92
N SER A 375 -17.93 -15.16 17.73
CA SER A 375 -18.37 -13.93 17.10
C SER A 375 -19.78 -14.10 16.55
N GLN A 376 -20.66 -13.13 16.83
CA GLN A 376 -22.06 -13.18 16.49
C GLN A 376 -22.55 -11.81 16.07
N PHE A 377 -23.48 -11.81 15.12
CA PHE A 377 -24.24 -10.60 14.80
C PHE A 377 -25.30 -10.34 15.87
N VAL A 378 -25.45 -9.07 16.24
CA VAL A 378 -26.38 -8.66 17.29
C VAL A 378 -27.52 -7.82 16.72
N VAL A 379 -27.20 -6.81 15.92
CA VAL A 379 -28.22 -5.96 15.33
C VAL A 379 -27.86 -5.72 13.86
N THR A 380 -28.80 -5.97 12.97
CA THR A 380 -28.54 -5.83 11.55
C THR A 380 -29.54 -4.94 10.82
N ALA A 381 -30.73 -4.72 11.36
CA ALA A 381 -31.73 -3.90 10.68
C ALA A 381 -31.60 -2.45 11.12
N GLN A 382 -31.84 -1.53 10.19
CA GLN A 382 -31.84 -0.09 10.46
C GLN A 382 -30.59 0.34 11.23
N ILE A 383 -29.45 -0.12 10.72
CA ILE A 383 -28.13 0.36 11.13
C ILE A 383 -27.59 1.16 9.95
N ALA A 384 -27.16 2.40 10.22
CA ALA A 384 -26.69 3.26 9.14
C ALA A 384 -25.28 3.77 9.40
N HIS A 385 -25.10 4.71 10.32
CA HIS A 385 -23.77 5.23 10.68
C HIS A 385 -23.65 5.22 12.20
N PRO A 386 -23.47 4.04 12.80
CA PRO A 386 -23.47 3.96 14.26
C PRO A 386 -22.10 4.31 14.84
N ASP A 387 -21.95 5.55 15.30
CA ASP A 387 -20.65 6.05 15.73
C ASP A 387 -20.39 5.93 17.23
N GLY A 388 -21.33 5.39 18.00
CA GLY A 388 -21.15 5.25 19.44
C GLY A 388 -21.92 4.03 19.93
N ILE A 389 -21.38 3.39 20.97
CA ILE A 389 -22.01 2.20 21.52
C ILE A 389 -21.67 2.09 23.00
N ALA A 390 -22.62 1.59 23.79
CA ALA A 390 -22.36 1.38 25.20
C ALA A 390 -23.12 0.18 25.75
N VAL A 391 -22.42 -0.63 26.55
CA VAL A 391 -22.98 -1.78 27.27
C VAL A 391 -23.49 -1.31 28.62
N ASP A 392 -24.74 -1.65 28.93
CA ASP A 392 -25.24 -1.53 30.30
C ASP A 392 -25.06 -2.91 30.94
N TRP A 393 -24.00 -3.06 31.73
CA TRP A 393 -23.62 -4.33 32.34
C TRP A 393 -24.47 -4.71 33.52
N VAL A 394 -25.35 -3.82 33.97
CA VAL A 394 -26.22 -4.07 35.12
C VAL A 394 -27.56 -4.58 34.64
N ALA A 395 -28.24 -3.81 33.81
CA ALA A 395 -29.53 -4.26 33.29
C ALA A 395 -29.39 -5.18 32.08
N ARG A 396 -28.16 -5.41 31.59
CA ARG A 396 -27.89 -6.32 30.46
C ARG A 396 -28.62 -5.84 29.20
N ASN A 397 -28.44 -4.55 28.92
CA ASN A 397 -28.96 -3.86 27.74
C ASN A 397 -27.79 -3.27 26.94
N LEU A 398 -28.06 -2.97 25.68
CA LEU A 398 -27.08 -2.45 24.75
C LEU A 398 -27.64 -1.18 24.17
N TYR A 399 -26.86 -0.10 24.20
CA TYR A 399 -27.21 1.21 23.68
C TYR A 399 -26.31 1.57 22.51
N TRP A 400 -26.86 2.31 21.55
CA TRP A 400 -25.99 2.89 20.52
C TRP A 400 -26.58 4.19 19.98
N THR A 401 -25.71 5.02 19.44
CA THR A 401 -26.11 6.20 18.70
C THR A 401 -25.93 5.89 17.23
N ASP A 402 -26.72 6.56 16.40
CA ASP A 402 -26.62 6.39 14.95
C ASP A 402 -26.90 7.74 14.31
N THR A 403 -25.86 8.37 13.74
CA THR A 403 -26.07 9.61 13.02
C THR A 403 -26.67 9.41 11.63
N GLY A 404 -26.73 8.17 11.14
CA GLY A 404 -27.39 7.93 9.87
C GLY A 404 -28.89 7.85 10.01
N THR A 405 -29.37 7.45 11.19
CA THR A 405 -30.81 7.41 11.50
C THR A 405 -31.25 8.52 12.44
N ASP A 406 -30.32 9.24 13.05
CA ASP A 406 -30.59 10.30 14.05
C ASP A 406 -31.37 9.73 15.24
N ARG A 407 -30.85 8.66 15.82
CA ARG A 407 -31.49 7.99 16.95
C ARG A 407 -30.48 7.59 18.00
N ILE A 408 -30.99 7.41 19.22
CA ILE A 408 -30.37 6.56 20.22
C ILE A 408 -31.34 5.42 20.51
N GLU A 409 -30.83 4.19 20.47
CA GLU A 409 -31.66 3.01 20.60
C GLU A 409 -31.08 2.09 21.67
N VAL A 410 -31.93 1.20 22.20
CA VAL A 410 -31.53 0.22 23.19
C VAL A 410 -32.09 -1.15 22.79
N THR A 411 -31.32 -2.22 23.05
CA THR A 411 -31.82 -3.59 22.97
C THR A 411 -31.34 -4.33 24.21
N ARG A 412 -31.78 -5.57 24.38
CA ARG A 412 -31.04 -6.50 25.23
C ARG A 412 -29.67 -6.75 24.59
N LEU A 413 -28.75 -7.37 25.34
CA LEU A 413 -27.37 -7.51 24.85
C LEU A 413 -27.30 -8.42 23.63
N ASN A 414 -28.23 -9.38 23.50
CA ASN A 414 -28.19 -10.19 22.30
C ASN A 414 -28.92 -9.57 21.12
N GLY A 415 -29.36 -8.31 21.26
CA GLY A 415 -29.89 -7.53 20.15
C GLY A 415 -31.40 -7.53 20.02
N THR A 416 -32.11 -8.29 20.84
CA THR A 416 -33.55 -8.39 20.73
C THR A 416 -34.24 -7.33 21.60
N MET A 417 -35.55 -7.19 21.39
CA MET A 417 -36.40 -6.32 22.21
C MET A 417 -35.95 -4.85 22.10
N ARG A 418 -36.06 -4.32 20.89
CA ARG A 418 -35.45 -3.04 20.52
C ARG A 418 -36.41 -1.88 20.78
N LYS A 419 -35.88 -0.77 21.28
CA LYS A 419 -36.70 0.42 21.47
C LYS A 419 -35.96 1.69 21.09
N ILE A 420 -36.63 2.59 20.39
CA ILE A 420 -36.04 3.88 20.10
C ILE A 420 -36.19 4.76 21.34
N LEU A 421 -35.08 5.28 21.85
CA LEU A 421 -35.15 6.11 23.05
C LEU A 421 -35.14 7.61 22.75
N ILE A 422 -34.31 8.06 21.79
CA ILE A 422 -34.26 9.45 21.40
C ILE A 422 -34.34 9.52 19.88
N SER A 423 -35.24 10.36 19.38
CA SER A 423 -35.50 10.45 17.95
C SER A 423 -35.71 11.88 17.49
N GLU A 424 -35.37 12.88 18.31
CA GLU A 424 -35.50 14.26 17.88
C GLU A 424 -34.29 15.03 18.36
N ASP A 425 -34.00 16.15 17.67
CA ASP A 425 -32.94 17.06 18.08
C ASP A 425 -31.59 16.37 18.20
N LEU A 426 -31.34 15.38 17.35
CA LEU A 426 -30.01 14.80 17.21
C LEU A 426 -29.52 15.13 15.80
N GLU A 427 -28.36 15.76 15.69
CA GLU A 427 -27.85 16.10 14.37
C GLU A 427 -26.64 15.24 14.02
N GLU A 428 -25.61 15.27 14.87
CA GLU A 428 -24.47 14.36 14.73
C GLU A 428 -24.22 13.67 16.07
N PRO A 429 -25.16 12.81 16.52
CA PRO A 429 -24.91 12.08 17.77
C PRO A 429 -23.66 11.21 17.59
N ARG A 430 -22.84 11.12 18.63
CA ARG A 430 -21.61 10.33 18.55
C ARG A 430 -21.38 9.50 19.83
N ALA A 431 -20.58 10.00 20.79
CA ALA A 431 -20.21 9.20 21.96
C ALA A 431 -21.41 9.03 22.89
N ILE A 432 -21.48 7.89 23.57
CA ILE A 432 -22.52 7.59 24.54
C ILE A 432 -21.89 6.80 25.68
N VAL A 433 -22.18 7.20 26.92
CA VAL A 433 -21.74 6.47 28.12
C VAL A 433 -22.91 6.33 29.08
N LEU A 434 -22.80 5.36 29.99
CA LEU A 434 -23.93 4.97 30.84
C LEU A 434 -23.48 4.89 32.29
N ASP A 435 -24.37 5.27 33.19
CA ASP A 435 -24.14 5.18 34.63
C ASP A 435 -25.34 4.43 35.21
N PRO A 436 -25.36 3.10 35.06
CA PRO A 436 -26.49 2.34 35.57
C PRO A 436 -26.72 2.53 37.06
N MET A 437 -25.65 2.74 37.85
CA MET A 437 -25.89 2.85 39.29
C MET A 437 -26.72 4.09 39.63
N VAL A 438 -26.56 5.16 38.86
CA VAL A 438 -27.21 6.44 39.13
C VAL A 438 -28.51 6.60 38.33
N GLY A 439 -28.59 5.99 37.16
CA GLY A 439 -29.78 6.02 36.33
C GLY A 439 -29.72 6.88 35.08
N TYR A 440 -28.53 7.23 34.60
CA TYR A 440 -28.37 8.19 33.52
C TYR A 440 -27.57 7.62 32.35
N MET A 441 -27.88 8.13 31.17
CA MET A 441 -27.02 8.08 30.00
C MET A 441 -26.58 9.49 29.64
N TYR A 442 -25.42 9.57 29.00
CA TYR A 442 -24.84 10.82 28.51
C TYR A 442 -24.37 10.61 27.08
N TRP A 443 -24.45 11.65 26.25
CA TRP A 443 -24.00 11.49 24.87
C TRP A 443 -23.54 12.84 24.33
N THR A 444 -22.75 12.78 23.26
CA THR A 444 -22.29 13.99 22.58
C THR A 444 -22.99 14.13 21.23
N ASP A 445 -23.09 15.36 20.76
CA ASP A 445 -23.60 15.70 19.44
C ASP A 445 -22.68 16.77 18.86
N TRP A 446 -22.02 16.49 17.73
CA TRP A 446 -21.09 17.45 17.17
C TRP A 446 -21.67 18.23 15.99
N GLY A 447 -22.99 18.30 15.89
CA GLY A 447 -23.64 19.08 14.85
C GLY A 447 -23.48 20.58 15.05
N GLU A 448 -24.27 21.32 14.26
CA GLU A 448 -24.08 22.76 14.15
C GLU A 448 -24.22 23.46 15.49
N ILE A 449 -25.07 22.96 16.37
CA ILE A 449 -25.13 23.41 17.77
C ILE A 449 -24.63 22.25 18.63
N PRO A 450 -23.34 22.19 18.91
CA PRO A 450 -22.81 21.01 19.58
C PRO A 450 -23.19 20.97 21.04
N LYS A 451 -23.28 19.76 21.57
CA LYS A 451 -23.82 19.57 22.92
C LYS A 451 -23.26 18.31 23.54
N ILE A 452 -23.22 18.32 24.87
CA ILE A 452 -23.17 17.11 25.70
C ILE A 452 -24.49 17.05 26.47
N GLU A 453 -25.21 15.95 26.34
CA GLU A 453 -26.54 15.85 26.90
C GLU A 453 -26.62 14.69 27.89
N ARG A 454 -27.61 14.77 28.78
CA ARG A 454 -27.90 13.71 29.74
C ARG A 454 -29.38 13.37 29.68
N ALA A 455 -29.71 12.09 29.86
CA ALA A 455 -31.08 11.68 30.12
C ALA A 455 -31.05 10.48 31.05
N ALA A 456 -32.22 10.14 31.58
CA ALA A 456 -32.40 8.88 32.30
C ALA A 456 -32.20 7.74 31.31
N LEU A 457 -32.01 6.53 31.85
CA LEU A 457 -31.71 5.42 30.95
C LEU A 457 -32.88 5.03 30.07
N ASP A 458 -34.06 5.63 30.24
CA ASP A 458 -35.15 5.45 29.29
C ASP A 458 -35.28 6.61 28.31
N GLY A 459 -34.33 7.54 28.31
CA GLY A 459 -34.36 8.72 27.45
C GLY A 459 -35.18 9.89 27.97
N SER A 460 -35.80 9.77 29.14
CA SER A 460 -36.64 10.83 29.69
C SER A 460 -35.79 11.87 30.46
N ASP A 461 -36.43 13.01 30.78
CA ASP A 461 -35.79 14.13 31.51
CA ASP A 461 -35.81 14.14 31.50
C ASP A 461 -34.50 14.56 30.84
N ARG A 462 -34.56 14.72 29.53
CA ARG A 462 -33.39 15.08 28.75
C ARG A 462 -32.95 16.51 29.08
N VAL A 463 -31.66 16.70 29.31
CA VAL A 463 -31.13 18.02 29.66
C VAL A 463 -29.77 18.18 29.01
N VAL A 464 -29.44 19.42 28.66
CA VAL A 464 -28.15 19.76 28.07
C VAL A 464 -27.20 20.13 29.20
N LEU A 465 -26.09 19.40 29.32
CA LEU A 465 -25.09 19.66 30.36
C LEU A 465 -24.07 20.68 29.90
N VAL A 466 -23.66 20.62 28.64
CA VAL A 466 -22.65 21.51 28.11
C VAL A 466 -23.10 21.93 26.72
N ASN A 467 -23.12 23.25 26.48
CA ASN A 467 -23.36 23.76 25.13
C ASN A 467 -22.49 24.95 24.78
N THR A 468 -21.46 25.27 25.56
CA THR A 468 -20.58 26.39 25.25
C THR A 468 -19.14 25.91 25.10
N SER A 469 -18.35 26.63 24.30
CA SER A 469 -16.97 26.25 24.03
C SER A 469 -16.84 24.77 23.67
N LEU A 470 -17.76 24.27 22.84
CA LEU A 470 -17.66 22.95 22.21
C LEU A 470 -17.56 23.12 20.70
N GLY A 471 -17.10 22.06 20.04
CA GLY A 471 -17.11 22.06 18.59
C GLY A 471 -17.38 20.69 18.03
N TRP A 472 -16.41 19.81 18.19
CA TRP A 472 -16.53 18.40 17.79
C TRP A 472 -16.30 17.48 19.00
N PRO A 473 -17.21 17.49 19.96
CA PRO A 473 -17.05 16.57 21.10
C PRO A 473 -17.20 15.13 20.64
N ASN A 474 -16.09 14.43 20.47
CA ASN A 474 -16.11 13.07 19.93
C ASN A 474 -16.07 11.99 20.99
N GLY A 475 -15.41 12.26 22.10
CA GLY A 475 -15.15 11.24 23.10
C GLY A 475 -15.77 11.61 24.43
N LEU A 476 -16.13 10.60 25.19
CA LEU A 476 -16.84 10.81 26.44
C LEU A 476 -16.50 9.64 27.35
N ALA A 477 -16.23 9.92 28.63
CA ALA A 477 -15.90 8.87 29.60
C ALA A 477 -16.29 9.29 31.01
N LEU A 478 -16.94 8.41 31.73
CA LEU A 478 -17.24 8.68 33.14
C LEU A 478 -16.13 8.17 34.06
N ASP A 479 -15.91 8.89 35.15
CA ASP A 479 -15.14 8.39 36.28
C ASP A 479 -16.18 8.09 37.38
N TYR A 480 -16.61 6.84 37.43
CA TYR A 480 -17.71 6.44 38.32
C TYR A 480 -17.38 6.74 39.78
N ASP A 481 -16.13 6.53 40.19
CA ASP A 481 -15.78 6.71 41.59
C ASP A 481 -15.75 8.18 42.01
N GLU A 482 -15.45 9.08 41.09
CA GLU A 482 -15.20 10.48 41.45
C GLU A 482 -16.34 11.41 41.06
N GLY A 483 -17.40 10.90 40.43
CA GLY A 483 -18.50 11.75 40.08
C GLY A 483 -18.17 12.75 39.00
N LYS A 484 -17.30 12.39 38.07
CA LYS A 484 -16.85 13.27 36.99
C LYS A 484 -17.04 12.58 35.65
N ILE A 485 -17.10 13.44 34.63
CA ILE A 485 -17.20 13.05 33.23
C ILE A 485 -16.18 13.87 32.46
N TYR A 486 -15.50 13.20 31.53
CA TYR A 486 -14.42 13.73 30.72
C TYR A 486 -14.87 13.69 29.27
N TRP A 487 -14.31 14.58 28.45
CA TRP A 487 -14.61 14.49 27.02
C TRP A 487 -13.42 15.01 26.24
N GLY A 488 -13.35 14.58 24.96
CA GLY A 488 -12.34 14.98 24.02
C GLY A 488 -12.99 15.67 22.84
N ASP A 489 -12.51 16.86 22.49
CA ASP A 489 -13.16 17.66 21.45
C ASP A 489 -12.14 17.89 20.33
N ALA A 490 -12.47 17.41 19.14
CA ALA A 490 -11.56 17.45 18.01
C ALA A 490 -11.58 18.78 17.26
N LYS A 491 -12.40 19.73 17.69
CA LYS A 491 -12.40 21.05 17.08
C LYS A 491 -11.78 22.09 17.99
N THR A 492 -12.21 22.14 19.25
CA THR A 492 -11.54 23.00 20.23
C THR A 492 -10.20 22.44 20.64
N ASP A 493 -9.91 21.18 20.29
CA ASP A 493 -8.64 20.52 20.61
C ASP A 493 -8.39 20.57 22.12
N LYS A 494 -9.32 19.98 22.86
CA LYS A 494 -9.25 19.97 24.32
C LYS A 494 -9.74 18.63 24.85
N ILE A 495 -9.10 18.18 25.92
CA ILE A 495 -9.70 17.23 26.84
C ILE A 495 -10.11 18.01 28.08
N GLU A 496 -11.39 17.90 28.45
CA GLU A 496 -11.96 18.59 29.58
C GLU A 496 -12.58 17.60 30.56
N VAL A 497 -12.77 18.11 31.78
CA VAL A 497 -13.39 17.35 32.86
C VAL A 497 -14.37 18.28 33.58
N MET A 498 -15.46 17.68 34.07
CA MET A 498 -16.43 18.38 34.91
C MET A 498 -17.10 17.38 35.82
N ASN A 499 -17.68 17.88 36.93
CA ASN A 499 -18.53 17.04 37.75
C ASN A 499 -19.77 16.66 36.92
N THR A 500 -20.37 15.51 37.22
CA THR A 500 -21.48 15.07 36.38
C THR A 500 -22.70 16.00 36.41
N ASP A 501 -22.80 16.90 37.39
CA ASP A 501 -23.89 17.89 37.41
C ASP A 501 -23.58 19.12 36.57
N GLY A 502 -22.46 19.15 35.89
CA GLY A 502 -22.07 20.32 35.10
C GLY A 502 -21.20 21.35 35.81
N THR A 503 -20.91 21.17 37.10
CA THR A 503 -20.05 22.11 37.83
C THR A 503 -18.59 21.69 37.72
N GLY A 504 -17.71 22.57 38.19
CA GLY A 504 -16.27 22.33 38.17
C GLY A 504 -15.64 22.06 36.82
N ARG A 505 -16.19 22.60 35.72
CA ARG A 505 -15.61 22.35 34.40
C ARG A 505 -14.21 22.93 34.32
N ARG A 506 -13.29 22.19 33.68
CA ARG A 506 -11.92 22.68 33.54
C ARG A 506 -11.20 21.91 32.44
N VAL A 507 -10.20 22.55 31.84
CA VAL A 507 -9.42 21.96 30.75
C VAL A 507 -8.33 21.09 31.35
N LEU A 508 -8.19 19.85 30.85
CA LEU A 508 -7.12 18.95 31.30
C LEU A 508 -5.93 18.94 30.34
N VAL A 509 -6.20 18.83 29.04
CA VAL A 509 -5.17 18.76 28.00
C VAL A 509 -5.57 19.73 26.90
N GLU A 510 -4.56 20.35 26.29
CA GLU A 510 -4.74 21.48 25.39
C GLU A 510 -3.77 21.45 24.21
N ASP A 511 -2.71 20.64 24.27
CA ASP A 511 -1.62 20.66 23.31
C ASP A 511 -1.54 19.31 22.62
N LYS A 512 -1.13 19.33 21.35
CA LYS A 512 -0.89 18.10 20.59
C LYS A 512 -2.05 17.12 20.72
N ILE A 513 -3.27 17.62 20.62
CA ILE A 513 -4.44 16.76 20.47
C ILE A 513 -5.25 17.32 19.31
N PRO A 514 -4.73 17.28 18.07
CA PRO A 514 -5.45 17.89 16.93
C PRO A 514 -6.79 17.23 16.58
N HIS A 515 -6.95 15.94 16.85
CA HIS A 515 -8.19 15.29 16.43
C HIS A 515 -8.54 14.00 17.17
N ILE A 516 -8.94 14.11 18.44
CA ILE A 516 -9.37 12.94 19.20
C ILE A 516 -10.61 12.29 18.60
N PHE A 517 -10.61 10.95 18.56
CA PHE A 517 -11.84 10.21 18.25
C PHE A 517 -12.15 9.19 19.34
N GLY A 518 -11.36 8.12 19.45
CA GLY A 518 -11.52 7.19 20.55
C GLY A 518 -11.17 7.84 21.87
N PHE A 519 -11.83 7.40 22.93
CA PHE A 519 -11.73 8.11 24.21
C PHE A 519 -12.32 7.26 25.33
N THR A 520 -11.54 7.02 26.38
CA THR A 520 -11.91 6.13 27.48
C THR A 520 -11.10 6.50 28.73
N LEU A 521 -11.64 6.17 29.90
CA LEU A 521 -10.95 6.36 31.17
C LEU A 521 -10.97 5.04 31.93
N LEU A 522 -9.83 4.67 32.52
CA LEU A 522 -9.72 3.53 33.42
C LEU A 522 -8.74 3.86 34.53
N GLY A 523 -9.15 3.74 35.78
CA GLY A 523 -8.22 3.99 36.88
C GLY A 523 -7.74 5.43 36.84
N ASP A 524 -6.42 5.61 36.89
CA ASP A 524 -5.82 6.95 36.90
C ASP A 524 -5.63 7.54 35.50
N TYR A 525 -6.07 6.86 34.44
CA TYR A 525 -5.66 7.26 33.09
C TYR A 525 -6.82 7.52 32.14
N VAL A 526 -6.66 8.55 31.30
CA VAL A 526 -7.53 8.79 30.16
C VAL A 526 -6.74 8.45 28.90
N TYR A 527 -7.33 7.62 28.03
CA TYR A 527 -6.75 7.15 26.79
C TYR A 527 -7.54 7.72 25.62
N TRP A 528 -6.85 7.96 24.50
CA TRP A 528 -7.55 8.41 23.31
C TRP A 528 -6.81 7.92 22.07
N THR A 529 -7.52 7.86 20.95
CA THR A 529 -6.89 7.76 19.63
C THR A 529 -6.99 9.13 18.98
N ASP A 530 -6.03 9.45 18.13
CA ASP A 530 -6.02 10.71 17.40
C ASP A 530 -5.93 10.40 15.92
N TRP A 531 -6.95 10.83 15.16
CA TRP A 531 -7.00 10.58 13.72
C TRP A 531 -5.87 11.26 12.94
N GLN A 532 -5.42 12.42 13.39
CA GLN A 532 -4.38 13.14 12.68
C GLN A 532 -2.99 12.62 13.04
N ARG A 533 -2.74 12.41 14.34
CA ARG A 533 -1.45 11.92 14.79
C ARG A 533 -1.27 10.41 14.62
N ARG A 534 -2.35 9.67 14.34
CA ARG A 534 -2.28 8.22 14.12
C ARG A 534 -1.66 7.51 15.32
N SER A 535 -2.09 7.91 16.51
CA SER A 535 -1.52 7.40 17.75
C SER A 535 -2.59 7.11 18.78
N ILE A 536 -2.22 6.22 19.70
CA ILE A 536 -2.94 5.98 20.95
C ILE A 536 -2.10 6.59 22.06
N GLU A 537 -2.71 7.43 22.91
CA GLU A 537 -1.96 8.13 23.96
C GLU A 537 -2.79 8.10 25.23
N ARG A 538 -2.13 8.33 26.37
CA ARG A 538 -2.86 8.46 27.63
C ARG A 538 -2.28 9.59 28.45
N VAL A 539 -3.10 10.10 29.35
CA VAL A 539 -2.70 11.15 30.28
C VAL A 539 -3.17 10.73 31.67
N HIS A 540 -2.30 10.94 32.66
CA HIS A 540 -2.67 10.75 34.06
C HIS A 540 -3.66 11.85 34.47
N LYS A 541 -4.79 11.45 35.06
CA LYS A 541 -5.91 12.38 35.22
C LYS A 541 -5.64 13.43 36.29
N ARG A 542 -4.64 13.23 37.14
CA ARG A 542 -4.25 14.26 38.12
C ARG A 542 -2.97 14.99 37.79
N SER A 543 -1.92 14.28 37.36
CA SER A 543 -0.64 14.93 37.07
C SER A 543 -0.55 15.50 35.67
N ALA A 544 -1.45 15.11 34.77
CA ALA A 544 -1.43 15.47 33.34
C ALA A 544 -0.15 15.00 32.62
N GLU A 545 0.57 14.04 33.19
CA GLU A 545 1.70 13.42 32.51
C GLU A 545 1.19 12.58 31.35
N ARG A 546 1.80 12.75 30.18
CA ARG A 546 1.37 12.04 28.97
C ARG A 546 2.32 10.90 28.64
N GLU A 547 1.77 9.85 28.03
CA GLU A 547 2.57 8.73 27.53
C GLU A 547 2.00 8.30 26.19
N VAL A 548 2.87 8.02 25.24
CA VAL A 548 2.43 7.47 23.96
C VAL A 548 2.33 5.95 24.13
N ILE A 549 1.16 5.40 23.82
CA ILE A 549 0.98 3.96 23.87
C ILE A 549 1.43 3.30 22.57
N ILE A 550 0.88 3.77 21.44
CA ILE A 550 1.28 3.32 20.11
C ILE A 550 1.35 4.55 19.23
N ASP A 551 2.40 4.68 18.42
CA ASP A 551 2.38 5.71 17.39
C ASP A 551 2.36 5.07 16.01
N GLN A 552 1.99 5.88 15.03
CA GLN A 552 1.99 5.53 13.62
C GLN A 552 1.22 4.22 13.37
N LEU A 553 -0.04 4.22 13.77
CA LEU A 553 -0.94 3.15 13.38
C LEU A 553 -2.10 3.76 12.60
N PRO A 554 -2.29 3.42 11.33
CA PRO A 554 -3.39 4.02 10.56
C PRO A 554 -4.76 3.51 11.01
N ASP A 555 -5.80 4.26 10.63
CA ASP A 555 -7.20 3.85 10.71
C ASP A 555 -7.68 3.62 12.15
N LEU A 556 -7.06 4.31 13.14
CA LEU A 556 -7.56 4.23 14.51
C LEU A 556 -8.99 4.75 14.61
N MET A 557 -9.83 4.04 15.36
CA MET A 557 -11.18 4.51 15.68
C MET A 557 -11.45 4.46 17.17
N GLY A 558 -12.53 3.79 17.58
CA GLY A 558 -12.97 3.85 18.97
C GLY A 558 -12.06 3.05 19.89
N LEU A 559 -12.15 3.36 21.18
CA LEU A 559 -11.27 2.82 22.20
C LEU A 559 -12.03 2.61 23.51
N LYS A 560 -11.81 1.47 24.17
CA LYS A 560 -12.40 1.29 25.51
C LYS A 560 -11.43 0.53 26.38
N ALA A 561 -11.13 1.09 27.55
CA ALA A 561 -10.30 0.44 28.55
C ALA A 561 -11.20 -0.22 29.60
N THR A 562 -10.79 -1.39 30.08
CA THR A 562 -11.69 -2.12 30.95
C THR A 562 -10.94 -3.10 31.82
N ASN A 563 -11.49 -3.33 33.02
CA ASN A 563 -11.14 -4.54 33.74
C ASN A 563 -11.72 -5.72 32.98
N VAL A 564 -10.97 -6.81 32.90
CA VAL A 564 -11.44 -7.92 32.05
C VAL A 564 -12.62 -8.65 32.70
N HIS A 565 -12.67 -8.72 34.03
CA HIS A 565 -13.68 -9.56 34.67
C HIS A 565 -14.57 -8.81 35.68
N ARG A 566 -14.02 -7.80 36.34
CA ARG A 566 -14.68 -7.14 37.46
C ARG A 566 -15.69 -6.10 37.00
N VAL A 567 -16.84 -6.05 37.67
CA VAL A 567 -17.83 -5.00 37.47
C VAL A 567 -18.26 -4.45 38.81
N ILE A 568 -18.74 -3.21 38.79
CA ILE A 568 -19.19 -2.55 40.02
C ILE A 568 -20.53 -1.86 39.75
N GLY A 569 -21.41 -1.86 40.76
CA GLY A 569 -22.62 -1.07 40.64
C GLY A 569 -23.83 -1.93 40.35
N SER A 570 -24.98 -1.50 40.86
CA SER A 570 -26.19 -2.28 40.63
C SER A 570 -27.40 -1.37 40.80
N ASN A 571 -28.59 -1.90 40.41
CA ASN A 571 -29.88 -1.24 40.57
C ASN A 571 -30.98 -2.32 40.50
N PRO A 572 -32.26 -1.99 40.67
CA PRO A 572 -33.29 -3.05 40.72
C PRO A 572 -33.54 -3.77 39.40
N CYS A 573 -33.03 -3.27 38.27
CA CYS A 573 -33.19 -4.02 37.03
C CYS A 573 -32.37 -5.31 37.06
N ALA A 574 -31.33 -5.38 37.89
CA ALA A 574 -30.48 -6.56 37.90
C ALA A 574 -31.21 -7.78 38.45
N GLU A 575 -32.28 -7.59 39.21
CA GLU A 575 -33.04 -8.68 39.81
C GLU A 575 -34.21 -9.02 38.89
N GLU A 576 -34.06 -10.10 38.12
CA GLU A 576 -35.13 -10.62 37.26
C GLU A 576 -35.68 -9.55 36.32
N ASN A 577 -34.77 -8.75 35.76
CA ASN A 577 -35.11 -7.68 34.82
C ASN A 577 -36.17 -6.74 35.39
N GLY A 578 -36.14 -6.50 36.71
CA GLY A 578 -37.16 -5.68 37.34
C GLY A 578 -38.57 -6.23 37.30
N GLY A 579 -38.77 -7.49 36.88
CA GLY A 579 -40.09 -8.00 36.56
C GLY A 579 -40.61 -7.62 35.18
N CYS A 580 -39.84 -6.83 34.42
CA CYS A 580 -40.27 -6.38 33.11
C CYS A 580 -40.22 -7.53 32.10
N SER A 581 -41.30 -7.67 31.32
CA SER A 581 -41.33 -8.71 30.30
C SER A 581 -40.26 -8.47 29.26
N HIS A 582 -40.00 -7.21 28.91
CA HIS A 582 -39.12 -6.91 27.79
C HIS A 582 -37.91 -6.06 28.22
N LEU A 583 -38.07 -4.75 28.36
CA LEU A 583 -36.96 -3.85 28.71
C LEU A 583 -37.17 -3.26 30.10
N CYS A 584 -36.11 -3.26 30.90
CA CYS A 584 -36.08 -2.62 32.22
C CYS A 584 -35.13 -1.44 32.10
N LEU A 585 -35.65 -0.23 32.27
CA LEU A 585 -34.90 0.99 31.98
C LEU A 585 -34.84 1.82 33.26
N TYR A 586 -33.70 1.79 33.94
CA TYR A 586 -33.61 2.41 35.25
C TYR A 586 -33.53 3.92 35.12
N ARG A 587 -34.08 4.61 36.10
CA ARG A 587 -34.08 6.06 36.24
C ARG A 587 -33.78 6.38 37.69
N PRO A 588 -33.20 7.56 37.96
CA PRO A 588 -32.95 7.95 39.36
C PRO A 588 -34.16 7.79 40.25
N GLN A 589 -35.36 8.01 39.71
CA GLN A 589 -36.57 7.92 40.52
C GLN A 589 -37.14 6.52 40.56
N GLY A 590 -36.49 5.54 39.94
CA GLY A 590 -37.03 4.20 39.91
C GLY A 590 -37.17 3.64 38.51
N LEU A 591 -37.12 2.32 38.37
CA LEU A 591 -37.11 1.78 37.03
C LEU A 591 -38.46 1.97 36.34
N ARG A 592 -38.41 2.04 35.01
CA ARG A 592 -39.55 1.99 34.11
C ARG A 592 -39.40 0.80 33.18
N CYS A 593 -40.46 -0.03 33.07
CA CYS A 593 -40.48 -1.10 32.08
C CYS A 593 -40.88 -0.53 30.73
N ALA A 594 -40.42 -1.16 29.66
CA ALA A 594 -40.66 -0.60 28.34
C ALA A 594 -40.76 -1.73 27.32
N CYS A 595 -41.21 -1.39 26.12
CA CYS A 595 -41.63 -2.35 25.12
C CYS A 595 -41.07 -2.01 23.74
N PRO A 596 -40.89 -3.00 22.88
CA PRO A 596 -40.60 -2.72 21.47
C PRO A 596 -41.86 -2.20 20.78
N ILE A 597 -41.66 -1.77 19.53
CA ILE A 597 -42.73 -1.16 18.75
C ILE A 597 -43.90 -2.11 18.61
N GLY A 598 -45.11 -1.56 18.67
CA GLY A 598 -46.34 -2.33 18.52
C GLY A 598 -46.85 -2.99 19.78
N PHE A 599 -46.05 -3.01 20.85
CA PHE A 599 -46.46 -3.51 22.16
C PHE A 599 -46.78 -2.34 23.07
N GLU A 600 -47.61 -2.62 24.08
CA GLU A 600 -48.00 -1.64 25.08
C GLU A 600 -47.89 -2.27 26.46
N LEU A 601 -47.54 -1.47 27.45
CA LEU A 601 -47.58 -1.91 28.84
C LEU A 601 -49.01 -2.00 29.34
N ILE A 602 -49.35 -3.12 29.97
CA ILE A 602 -50.68 -3.23 30.56
C ILE A 602 -50.63 -2.69 31.99
N SER A 603 -51.72 -2.88 32.75
CA SER A 603 -51.89 -2.19 34.01
C SER A 603 -50.88 -2.60 35.08
N ASP A 604 -50.30 -3.80 34.98
CA ASP A 604 -49.26 -4.14 35.96
C ASP A 604 -47.96 -3.35 35.77
N MET A 605 -47.85 -2.50 34.74
CA MET A 605 -46.66 -1.68 34.47
C MET A 605 -45.42 -2.51 34.18
N LYS A 606 -45.59 -3.80 33.91
CA LYS A 606 -44.43 -4.65 33.67
C LYS A 606 -44.51 -5.43 32.36
N THR A 607 -45.70 -5.84 31.96
CA THR A 607 -45.87 -6.80 30.87
C THR A 607 -46.27 -6.08 29.59
N CYS A 608 -45.51 -6.30 28.51
CA CYS A 608 -45.82 -5.76 27.19
C CYS A 608 -46.75 -6.69 26.42
N ILE A 609 -47.78 -6.12 25.79
CA ILE A 609 -48.74 -6.90 25.02
C ILE A 609 -49.08 -6.17 23.73
N VAL A 610 -49.24 -6.91 22.63
CA VAL A 610 -49.75 -6.27 21.43
C VAL A 610 -51.24 -6.04 21.65
N PRO A 611 -51.73 -4.80 21.60
CA PRO A 611 -53.13 -4.56 21.91
C PRO A 611 -54.06 -5.06 20.80
N GLU A 612 -55.28 -5.41 21.19
CA GLU A 612 -56.22 -5.95 20.23
C GLU A 612 -56.76 -4.84 19.31
N HIS A 613 -57.09 -5.20 18.07
CA HIS A 613 -57.71 -4.28 17.12
C HIS A 613 -58.99 -3.67 17.69
N ASP B 1 -14.30 22.47 8.83
CA ASP B 1 -14.95 21.70 7.75
C ASP B 1 -15.60 20.44 8.30
N PRO B 2 -16.94 20.39 8.33
CA PRO B 2 -17.64 19.26 9.00
C PRO B 2 -17.25 17.89 8.47
N CYS B 3 -17.09 17.77 7.14
CA CYS B 3 -16.62 16.55 6.49
C CYS B 3 -15.41 15.93 7.20
N THR B 4 -14.51 16.79 7.70
CA THR B 4 -13.32 16.40 8.47
C THR B 4 -13.63 15.42 9.59
N ASN B 5 -14.76 15.59 10.23
CA ASN B 5 -15.04 14.85 11.45
C ASN B 5 -16.01 13.71 11.21
N SER B 6 -16.40 13.51 9.97
CA SER B 6 -17.35 12.46 9.64
C SER B 6 -16.59 11.20 9.26
N VAL B 7 -16.97 10.08 9.88
CA VAL B 7 -16.43 8.79 9.48
C VAL B 7 -16.65 8.54 7.98
N ASN B 8 -17.87 8.82 7.45
CA ASN B 8 -18.25 8.52 6.07
C ASN B 8 -17.62 9.50 5.07
N CYS B 9 -17.57 10.79 5.40
CA CYS B 9 -17.04 11.81 4.49
C CYS B 9 -15.52 11.76 4.41
N ARG B 10 -14.86 11.54 5.55
CA ARG B 10 -13.42 11.36 5.58
C ARG B 10 -13.01 10.20 4.69
N ARG B 11 -13.81 9.13 4.69
CA ARG B 11 -13.53 7.95 3.88
C ARG B 11 -13.70 8.26 2.39
N ALA B 12 -14.73 9.02 2.03
CA ALA B 12 -14.99 9.33 0.61
C ALA B 12 -13.93 10.27 0.03
N ILE B 13 -13.32 11.11 0.87
CA ILE B 13 -12.23 11.96 0.39
C ILE B 13 -11.02 11.09 0.02
N ALA B 14 -10.67 10.14 0.87
CA ALA B 14 -9.55 9.24 0.58
C ALA B 14 -9.91 8.22 -0.49
N ASP B 15 -11.19 7.88 -0.61
CA ASP B 15 -11.67 7.02 -1.70
C ASP B 15 -11.50 7.73 -3.05
N SER B 33 10.71 17.88 -1.62
CA SER B 33 10.81 16.58 -0.99
C SER B 33 10.23 15.48 -1.87
N GLU B 34 9.60 15.88 -2.98
CA GLU B 34 8.92 14.92 -3.82
C GLU B 34 9.93 14.09 -4.60
N VAL B 35 9.62 12.79 -4.75
CA VAL B 35 10.45 11.93 -5.58
C VAL B 35 10.41 12.44 -7.01
N GLN B 36 11.58 12.54 -7.63
CA GLN B 36 11.70 12.99 -9.01
C GLN B 36 12.75 12.16 -9.73
N LEU B 37 12.52 11.90 -11.00
CA LEU B 37 13.51 11.25 -11.85
C LEU B 37 13.46 11.98 -13.17
N VAL B 38 14.58 12.58 -13.56
CA VAL B 38 14.62 13.48 -14.71
C VAL B 38 15.60 12.87 -15.69
N GLU B 39 15.10 12.48 -16.84
CA GLU B 39 15.96 11.88 -17.85
C GLU B 39 16.48 12.95 -18.78
N SER B 40 17.63 12.68 -19.38
CA SER B 40 18.14 13.55 -20.43
C SER B 40 19.07 12.70 -21.28
N GLY B 41 19.44 13.25 -22.44
CA GLY B 41 20.38 12.60 -23.32
C GLY B 41 19.82 12.03 -24.60
N GLY B 42 18.49 11.94 -24.78
CA GLY B 42 17.95 11.29 -25.97
C GLY B 42 18.20 12.11 -27.23
N GLY B 43 17.97 11.48 -28.37
CA GLY B 43 18.08 12.19 -29.63
C GLY B 43 18.28 11.21 -30.78
N LEU B 44 18.59 11.79 -31.93
CA LEU B 44 18.83 11.01 -33.15
C LEU B 44 20.27 10.54 -33.20
N VAL B 45 20.48 9.28 -33.54
CA VAL B 45 21.83 8.73 -33.66
C VAL B 45 21.84 7.72 -34.79
N GLN B 46 22.92 7.69 -35.57
CA GLN B 46 22.98 6.75 -36.68
C GLN B 46 23.18 5.32 -36.17
N PRO B 47 22.69 4.30 -36.89
CA PRO B 47 22.99 2.92 -36.48
C PRO B 47 24.49 2.69 -36.38
N GLY B 48 24.88 1.90 -35.36
CA GLY B 48 26.27 1.68 -35.04
C GLY B 48 26.83 2.70 -34.07
N GLY B 49 26.14 3.82 -33.87
CA GLY B 49 26.62 4.90 -33.04
C GLY B 49 26.29 4.70 -31.57
N SER B 50 26.55 5.73 -30.78
CA SER B 50 26.45 5.56 -29.35
C SER B 50 25.81 6.81 -28.74
N LEU B 51 25.21 6.63 -27.57
CA LEU B 51 24.50 7.70 -26.89
C LEU B 51 24.50 7.36 -25.42
N ARG B 52 24.59 8.37 -24.56
CA ARG B 52 24.50 8.14 -23.13
C ARG B 52 23.30 8.88 -22.55
N LEU B 53 22.39 8.14 -21.89
CA LEU B 53 21.25 8.72 -21.19
C LEU B 53 21.60 8.94 -19.72
N SER B 54 21.05 10.00 -19.14
CA SER B 54 21.21 10.27 -17.70
C SER B 54 19.85 10.26 -17.02
N CYS B 55 19.83 9.84 -15.76
CA CYS B 55 18.60 9.85 -14.95
C CYS B 55 19.00 10.48 -13.61
N ALA B 56 18.61 11.75 -13.42
CA ALA B 56 18.93 12.50 -12.20
C ALA B 56 17.82 12.27 -11.17
N ALA B 57 18.19 11.68 -10.04
CA ALA B 57 17.25 11.31 -8.99
C ALA B 57 17.26 12.32 -7.86
N SER B 58 16.09 12.48 -7.22
CA SER B 58 16.01 13.32 -6.04
C SER B 58 14.78 12.94 -5.23
N GLY B 59 14.84 13.22 -3.94
CA GLY B 59 13.74 12.97 -3.02
C GLY B 59 13.75 11.64 -2.34
N PHE B 60 14.83 10.86 -2.49
CA PHE B 60 14.91 9.59 -1.78
C PHE B 60 16.38 9.19 -1.69
N THR B 61 16.66 8.23 -0.83
CA THR B 61 18.02 7.73 -0.67
C THR B 61 18.36 6.85 -1.86
N PHE B 62 19.17 7.41 -2.77
CA PHE B 62 19.54 6.76 -4.02
C PHE B 62 20.06 5.35 -3.80
N THR B 63 20.97 5.19 -2.84
CA THR B 63 21.65 3.91 -2.72
C THR B 63 20.80 2.84 -2.04
N ASN B 64 19.58 3.16 -1.58
CA ASN B 64 18.70 2.14 -1.02
C ASN B 64 17.74 1.57 -2.05
N SER B 65 17.92 1.85 -3.33
CA SER B 65 16.88 1.53 -4.32
C SER B 65 17.46 0.76 -5.50
N TYR B 66 16.59 0.02 -6.19
CA TYR B 66 16.85 -0.36 -7.58
C TYR B 66 16.48 0.80 -8.47
N ILE B 67 17.29 1.05 -9.49
CA ILE B 67 16.98 2.00 -10.55
C ILE B 67 16.93 1.20 -11.84
N HIS B 68 15.78 1.23 -12.49
CA HIS B 68 15.49 0.48 -13.71
C HIS B 68 15.56 1.40 -14.92
N TRP B 69 15.94 0.84 -16.06
CA TRP B 69 15.60 1.44 -17.35
C TRP B 69 14.56 0.56 -18.03
N VAL B 70 13.52 1.19 -18.58
CA VAL B 70 12.43 0.52 -19.28
C VAL B 70 12.15 1.31 -20.56
N ARG B 71 11.91 0.61 -21.68
CA ARG B 71 11.77 1.31 -22.93
C ARG B 71 10.47 0.93 -23.62
N GLN B 72 10.02 1.82 -24.49
CA GLN B 72 8.74 1.64 -25.19
C GLN B 72 8.91 2.09 -26.63
N ALA B 73 8.95 1.13 -27.55
CA ALA B 73 9.02 1.49 -28.95
C ALA B 73 7.72 2.18 -29.34
N PRO B 74 7.76 3.06 -30.34
CA PRO B 74 6.53 3.73 -30.81
C PRO B 74 5.39 2.75 -31.05
N GLY B 75 4.24 3.05 -30.47
CA GLY B 75 3.04 2.24 -30.56
C GLY B 75 3.09 0.88 -29.90
N LYS B 76 4.12 0.58 -29.14
CA LYS B 76 4.29 -0.77 -28.61
C LYS B 76 4.22 -0.72 -27.08
N GLY B 77 4.45 -1.86 -26.46
CA GLY B 77 4.35 -2.00 -25.02
C GLY B 77 5.66 -1.72 -24.33
N LEU B 78 5.76 -2.17 -23.09
CA LEU B 78 6.89 -1.85 -22.22
C LEU B 78 7.89 -2.99 -22.21
N GLU B 79 9.19 -2.66 -22.33
CA GLU B 79 10.25 -3.67 -22.32
C GLU B 79 11.34 -3.25 -21.35
N TRP B 80 11.59 -4.09 -20.34
CA TRP B 80 12.62 -3.76 -19.35
C TRP B 80 14.01 -3.90 -20.00
N VAL B 81 14.87 -2.93 -19.74
CA VAL B 81 16.23 -2.88 -20.33
C VAL B 81 17.29 -3.39 -19.34
N GLY B 82 17.20 -2.99 -18.08
CA GLY B 82 18.18 -3.38 -17.09
C GLY B 82 17.96 -2.57 -15.82
N TRP B 83 18.69 -2.95 -14.77
CA TRP B 83 18.68 -2.20 -13.51
C TRP B 83 20.07 -2.12 -12.94
N ILE B 84 20.25 -1.16 -12.02
CA ILE B 84 21.44 -1.04 -11.19
C ILE B 84 20.96 -0.84 -9.76
N THR B 85 21.73 -1.38 -8.81
CA THR B 85 21.57 -1.03 -7.40
C THR B 85 22.74 -0.13 -7.04
N PRO B 86 22.55 1.19 -6.92
CA PRO B 86 23.71 2.08 -6.72
C PRO B 86 24.49 1.82 -5.44
N TYR B 87 23.96 1.07 -4.46
CA TYR B 87 24.74 0.93 -3.23
C TYR B 87 26.09 0.27 -3.51
N GLY B 88 26.13 -0.65 -4.48
CA GLY B 88 27.36 -1.35 -4.82
C GLY B 88 27.62 -1.38 -6.31
N GLY B 89 26.69 -0.83 -7.11
CA GLY B 89 26.84 -0.74 -8.57
C GLY B 89 26.51 -1.99 -9.34
N TYR B 90 25.92 -2.98 -8.68
CA TYR B 90 25.58 -4.24 -9.35
CA TYR B 90 25.59 -4.23 -9.36
C TYR B 90 24.46 -4.01 -10.35
N THR B 91 24.48 -4.77 -11.45
CA THR B 91 23.55 -4.58 -12.56
C THR B 91 22.96 -5.90 -13.05
N ASN B 92 21.79 -5.80 -13.68
CA ASN B 92 21.23 -6.87 -14.53
C ASN B 92 20.78 -6.24 -15.85
N TYR B 93 20.78 -7.03 -16.95
CA TYR B 93 20.42 -6.54 -18.28
C TYR B 93 19.49 -7.51 -19.01
N ALA B 94 18.69 -6.96 -19.93
CA ALA B 94 17.90 -7.80 -20.83
C ALA B 94 18.82 -8.37 -21.90
N ASP B 95 18.57 -9.64 -22.26
CA ASP B 95 19.32 -10.26 -23.35
C ASP B 95 19.27 -9.43 -24.63
N SER B 96 18.20 -8.68 -24.86
CA SER B 96 18.12 -7.87 -26.07
C SER B 96 19.08 -6.67 -26.09
N VAL B 97 19.76 -6.36 -24.98
CA VAL B 97 20.73 -5.27 -24.95
C VAL B 97 22.07 -5.69 -24.41
N LYS B 98 22.20 -6.93 -23.96
CA LYS B 98 23.41 -7.43 -23.31
C LYS B 98 24.66 -7.10 -24.12
N GLY B 99 25.67 -6.56 -23.43
CA GLY B 99 26.94 -6.33 -24.06
C GLY B 99 27.05 -5.00 -24.79
N ARG B 100 25.93 -4.48 -25.30
CA ARG B 100 25.93 -3.19 -26.00
C ARG B 100 25.56 -2.05 -25.07
N PHE B 101 24.70 -2.30 -24.08
CA PHE B 101 24.25 -1.28 -23.14
C PHE B 101 24.90 -1.52 -21.79
N THR B 102 25.36 -0.46 -21.15
CA THR B 102 25.94 -0.56 -19.82
C THR B 102 25.27 0.46 -18.93
N ILE B 103 24.81 0.03 -17.76
CA ILE B 103 24.23 0.92 -16.75
C ILE B 103 25.27 1.21 -15.69
N SER B 104 25.32 2.46 -15.23
CA SER B 104 26.26 2.89 -14.19
C SER B 104 25.57 3.95 -13.36
N ALA B 105 26.21 4.29 -12.23
CA ALA B 105 25.64 5.27 -11.31
C ALA B 105 26.77 6.01 -10.62
N ASP B 106 26.47 7.25 -10.28
CA ASP B 106 27.37 8.15 -9.58
C ASP B 106 26.61 8.58 -8.34
N THR B 107 26.99 8.01 -7.18
CA THR B 107 26.30 8.29 -5.93
C THR B 107 26.44 9.77 -5.54
N SER B 108 27.60 10.38 -5.83
CA SER B 108 27.78 11.77 -5.42
C SER B 108 26.85 12.72 -6.18
N LYS B 109 26.39 12.31 -7.37
CA LYS B 109 25.48 13.12 -8.15
C LYS B 109 24.07 12.59 -8.13
N ASN B 110 23.80 11.51 -7.40
CA ASN B 110 22.49 10.86 -7.41
C ASN B 110 21.96 10.65 -8.84
N THR B 111 22.84 10.18 -9.74
CA THR B 111 22.49 10.01 -11.13
C THR B 111 22.81 8.60 -11.62
N ALA B 112 21.87 8.01 -12.36
CA ALA B 112 22.12 6.78 -13.08
C ALA B 112 22.30 7.06 -14.56
N TYR B 113 22.98 6.14 -15.24
CA TYR B 113 23.33 6.32 -16.64
C TYR B 113 23.07 5.05 -17.43
N LEU B 114 22.72 5.23 -18.70
CA LEU B 114 22.55 4.13 -19.66
C LEU B 114 23.44 4.49 -20.84
N GLN B 115 24.61 3.85 -20.91
CA GLN B 115 25.53 3.99 -22.02
C GLN B 115 25.09 3.01 -23.12
N MET B 116 24.70 3.53 -24.28
CA MET B 116 24.17 2.71 -25.35
C MET B 116 25.17 2.72 -26.50
N ASN B 117 25.78 1.57 -26.78
CA ASN B 117 26.76 1.45 -27.86
C ASN B 117 26.21 0.56 -28.96
N SER B 118 26.79 0.68 -30.15
CA SER B 118 26.43 -0.19 -31.27
C SER B 118 24.92 -0.20 -31.48
N LEU B 119 24.34 1.00 -31.53
CA LEU B 119 22.89 1.12 -31.53
C LEU B 119 22.30 0.57 -32.82
N ARG B 120 21.13 -0.02 -32.69
CA ARG B 120 20.43 -0.63 -33.82
C ARG B 120 19.09 0.07 -34.00
N ALA B 121 18.58 0.02 -35.23
CA ALA B 121 17.31 0.66 -35.54
C ALA B 121 16.24 0.25 -34.54
N GLU B 122 16.22 -1.04 -34.17
CA GLU B 122 15.18 -1.56 -33.27
C GLU B 122 15.42 -1.15 -31.82
N ASP B 123 16.49 -0.41 -31.50
CA ASP B 123 16.59 0.22 -30.19
C ASP B 123 15.81 1.53 -30.10
N THR B 124 15.23 2.00 -31.20
CA THR B 124 14.41 3.20 -31.18
C THR B 124 13.24 3.04 -30.20
N ALA B 125 13.06 4.02 -29.30
CA ALA B 125 12.09 3.91 -28.22
C ALA B 125 12.17 5.17 -27.36
N VAL B 126 11.09 5.44 -26.63
CA VAL B 126 11.18 6.28 -25.45
C VAL B 126 11.81 5.45 -24.34
N TYR B 127 12.86 5.98 -23.73
CA TYR B 127 13.57 5.33 -22.62
C TYR B 127 13.15 6.01 -21.32
N TYR B 128 12.54 5.24 -20.41
CA TYR B 128 12.19 5.67 -19.06
C TYR B 128 13.20 5.17 -18.05
N CYS B 129 13.50 5.97 -17.04
CA CYS B 129 14.07 5.36 -15.84
C CYS B 129 12.99 5.34 -14.78
N ALA B 130 13.09 4.37 -13.89
CA ALA B 130 12.05 4.14 -12.91
C ALA B 130 12.71 3.61 -11.65
N ARG B 131 12.14 3.99 -10.52
CA ARG B 131 12.58 3.55 -9.20
C ARG B 131 11.82 2.30 -8.78
N GLY B 132 12.56 1.26 -8.40
CA GLY B 132 11.98 0.16 -7.67
C GLY B 132 11.46 0.59 -6.30
N SER B 133 10.36 -0.02 -5.90
CA SER B 133 9.75 0.34 -4.62
C SER B 133 10.44 -0.40 -3.46
N GLY B 134 10.36 0.19 -2.30
CA GLY B 134 10.87 -0.46 -1.08
C GLY B 134 12.39 -0.30 -0.96
N HIS B 135 12.97 -1.07 -0.02
CA HIS B 135 14.41 -1.02 0.24
C HIS B 135 15.13 -2.23 -0.37
N VAL B 136 16.27 -1.96 -1.02
CA VAL B 136 17.07 -2.99 -1.71
C VAL B 136 17.47 -4.13 -0.77
N ASN B 137 17.60 -3.85 0.54
CA ASN B 137 18.03 -4.86 1.50
C ASN B 137 16.86 -5.53 2.22
N ALA B 138 15.62 -5.28 1.81
CA ALA B 138 14.50 -5.81 2.57
C ALA B 138 14.16 -7.23 2.14
N VAL B 139 13.63 -8.02 3.08
CA VAL B 139 13.23 -9.39 2.77
C VAL B 139 11.99 -9.41 1.88
N LYS B 140 10.97 -8.62 2.25
CA LYS B 140 9.78 -8.43 1.42
C LYS B 140 10.15 -7.40 0.37
N ASN B 141 10.59 -7.86 -0.79
CA ASN B 141 11.26 -6.98 -1.71
C ASN B 141 10.33 -6.60 -2.86
N TYR B 142 10.07 -5.30 -2.95
CA TYR B 142 9.24 -4.72 -3.99
C TYR B 142 10.09 -4.02 -5.05
N GLY B 143 11.38 -4.38 -5.13
CA GLY B 143 12.29 -3.65 -5.99
C GLY B 143 11.96 -3.74 -7.48
N TYR B 144 11.11 -4.68 -7.90
CA TYR B 144 10.74 -4.72 -9.31
C TYR B 144 9.40 -4.06 -9.57
N VAL B 145 8.74 -3.61 -8.51
CA VAL B 145 7.55 -2.78 -8.63
C VAL B 145 8.04 -1.37 -8.91
N MET B 146 7.65 -0.81 -10.03
CA MET B 146 8.22 0.46 -10.46
C MET B 146 7.28 1.58 -10.00
N ASP B 147 7.55 2.16 -8.81
CA ASP B 147 6.58 3.10 -8.22
C ASP B 147 6.71 4.55 -8.68
N TYR B 148 7.82 4.94 -9.30
CA TYR B 148 8.00 6.29 -9.84
CA TYR B 148 7.91 6.27 -9.90
C TYR B 148 8.73 6.19 -11.16
N TRP B 149 8.19 6.82 -12.22
CA TRP B 149 8.75 6.81 -13.57
C TRP B 149 9.09 8.24 -13.98
N GLY B 150 10.29 8.41 -14.56
CA GLY B 150 10.60 9.64 -15.26
C GLY B 150 9.72 9.83 -16.48
N GLN B 151 9.81 11.04 -17.06
CA GLN B 151 8.98 11.43 -18.20
C GLN B 151 9.38 10.74 -19.49
N GLY B 152 10.55 10.13 -19.54
CA GLY B 152 11.05 9.46 -20.72
C GLY B 152 11.87 10.39 -21.60
N THR B 153 12.76 9.79 -22.40
CA THR B 153 13.51 10.54 -23.41
C THR B 153 13.55 9.71 -24.68
N LEU B 154 13.29 10.33 -25.82
CA LEU B 154 13.16 9.62 -27.09
C LEU B 154 14.54 9.40 -27.73
N VAL B 155 14.86 8.14 -28.03
CA VAL B 155 16.06 7.79 -28.78
C VAL B 155 15.58 7.27 -30.15
N THR B 156 16.02 7.92 -31.22
CA THR B 156 15.74 7.49 -32.60
C THR B 156 17.03 7.04 -33.28
N VAL B 157 17.07 5.77 -33.70
CA VAL B 157 18.25 5.24 -34.38
C VAL B 157 17.86 5.11 -35.85
N SER B 158 18.46 5.98 -36.67
CA SER B 158 18.08 6.10 -38.06
C SER B 158 19.26 6.66 -38.82
N SER B 159 19.37 6.29 -40.09
CA SER B 159 20.40 6.90 -40.94
C SER B 159 19.92 8.22 -41.55
N ALA B 160 18.63 8.53 -41.45
CA ALA B 160 18.14 9.79 -42.00
C ALA B 160 18.64 10.98 -41.18
N SER B 161 18.78 12.13 -41.85
CA SER B 161 19.29 13.32 -41.19
C SER B 161 18.16 14.19 -40.64
N THR B 162 18.51 15.02 -39.66
CA THR B 162 17.53 15.93 -39.09
C THR B 162 17.02 16.90 -40.15
N LYS B 163 15.74 17.25 -40.06
CA LYS B 163 15.15 18.24 -40.96
C LYS B 163 14.05 19.00 -40.22
N GLY B 164 14.10 20.32 -40.25
CA GLY B 164 13.09 21.07 -39.52
C GLY B 164 11.87 21.27 -40.39
N PRO B 165 10.73 21.51 -39.76
CA PRO B 165 9.47 21.55 -40.50
C PRO B 165 9.23 22.88 -41.20
N SER B 166 8.37 22.83 -42.21
CA SER B 166 7.74 24.03 -42.75
C SER B 166 6.35 24.13 -42.13
N VAL B 167 5.96 25.35 -41.75
CA VAL B 167 4.68 25.57 -41.08
C VAL B 167 3.78 26.39 -42.00
N PHE B 168 2.61 25.84 -42.34
CA PHE B 168 1.66 26.49 -43.23
C PHE B 168 0.33 26.76 -42.53
N PRO B 169 -0.34 27.86 -42.86
CA PRO B 169 -1.61 28.16 -42.22
C PRO B 169 -2.72 27.29 -42.75
N LEU B 170 -3.64 26.92 -41.87
CA LEU B 170 -4.95 26.38 -42.24
C LEU B 170 -5.94 27.52 -41.98
N ALA B 171 -6.37 28.18 -43.06
CA ALA B 171 -6.99 29.50 -42.87
C ALA B 171 -8.49 29.35 -42.55
N PRO B 172 -9.01 30.18 -41.64
CA PRO B 172 -10.46 30.13 -41.35
C PRO B 172 -11.28 30.47 -42.59
N SER B 173 -12.31 29.66 -42.84
CA SER B 173 -13.21 29.88 -43.97
C SER B 173 -14.29 30.91 -43.64
N SER B 174 -14.90 31.45 -44.69
CA SER B 174 -16.08 32.31 -44.56
C SER B 174 -17.33 31.43 -44.44
N LYS B 175 -17.56 30.97 -43.22
CA LYS B 175 -18.69 30.09 -42.92
C LYS B 175 -19.26 30.36 -41.52
N GLY B 180 -21.43 31.96 -35.42
CA GLY B 180 -21.11 30.55 -35.39
C GLY B 180 -19.71 30.23 -34.87
N THR B 181 -19.22 29.04 -35.16
CA THR B 181 -17.90 28.60 -34.74
C THR B 181 -17.06 28.31 -35.99
N ALA B 182 -15.83 28.83 -36.00
CA ALA B 182 -14.91 28.65 -37.11
C ALA B 182 -13.71 27.82 -36.68
N ALA B 183 -13.09 27.12 -37.64
CA ALA B 183 -11.90 26.34 -37.36
C ALA B 183 -10.68 26.94 -38.08
N LEU B 184 -9.52 26.83 -37.45
CA LEU B 184 -8.28 27.29 -38.06
C LEU B 184 -7.16 26.45 -37.48
N GLY B 185 -5.97 26.59 -38.05
CA GLY B 185 -4.89 25.76 -37.56
C GLY B 185 -3.60 25.99 -38.32
N CYS B 186 -2.66 25.10 -38.05
CA CYS B 186 -1.36 25.09 -38.67
C CYS B 186 -1.03 23.69 -39.12
N LEU B 187 -0.46 23.58 -40.31
CA LEU B 187 0.05 22.34 -40.87
C LEU B 187 1.57 22.36 -40.74
N VAL B 188 2.12 21.38 -40.02
CA VAL B 188 3.54 21.30 -39.68
C VAL B 188 4.11 20.15 -40.52
N LYS B 189 4.77 20.48 -41.62
CA LYS B 189 5.06 19.49 -42.65
C LYS B 189 6.57 19.25 -42.81
N ASP B 190 6.90 17.97 -43.00
CA ASP B 190 8.20 17.51 -43.49
C ASP B 190 9.33 17.70 -42.47
N TYR B 191 9.22 17.02 -41.33
CA TYR B 191 10.27 17.11 -40.32
C TYR B 191 10.73 15.71 -39.93
N PHE B 192 11.92 15.66 -39.33
CA PHE B 192 12.50 14.42 -38.86
C PHE B 192 13.58 14.79 -37.85
N PRO B 193 13.72 14.06 -36.72
CA PRO B 193 12.85 13.01 -36.19
C PRO B 193 11.69 13.63 -35.44
N GLU B 194 10.85 12.80 -34.85
CA GLU B 194 9.97 13.27 -33.81
C GLU B 194 10.80 13.81 -32.63
N PRO B 195 10.22 14.69 -31.79
CA PRO B 195 8.87 15.21 -31.82
C PRO B 195 8.80 16.71 -32.13
N VAL B 196 7.58 17.13 -32.42
CA VAL B 196 7.22 18.54 -32.54
C VAL B 196 6.23 18.86 -31.42
N THR B 197 6.32 20.04 -30.83
CA THR B 197 5.28 20.54 -29.95
C THR B 197 4.58 21.72 -30.59
N VAL B 198 3.30 21.89 -30.32
CA VAL B 198 2.54 23.03 -30.82
C VAL B 198 1.75 23.63 -29.68
N SER B 199 1.82 24.96 -29.55
CA SER B 199 0.94 25.70 -28.66
C SER B 199 0.29 26.81 -29.45
N TRP B 200 -0.72 27.45 -28.87
CA TRP B 200 -1.41 28.57 -29.49
C TRP B 200 -1.38 29.82 -28.61
N ASN B 201 -1.12 30.96 -29.25
CA ASN B 201 -1.00 32.25 -28.57
C ASN B 201 -0.13 32.12 -27.32
N SER B 202 1.01 31.45 -27.50
CA SER B 202 2.00 31.27 -26.44
C SER B 202 1.42 30.58 -25.22
N GLY B 203 0.48 29.66 -25.44
CA GLY B 203 -0.14 28.94 -24.36
C GLY B 203 -1.37 29.59 -23.80
N ALA B 204 -1.70 30.81 -24.22
CA ALA B 204 -2.92 31.44 -23.74
C ALA B 204 -4.17 30.77 -24.27
N LEU B 205 -4.09 30.08 -25.42
CA LEU B 205 -5.26 29.44 -26.02
C LEU B 205 -5.12 27.93 -25.91
N THR B 206 -5.99 27.33 -25.11
CA THR B 206 -5.94 25.88 -24.90
C THR B 206 -7.26 25.20 -25.21
N SER B 207 -8.38 25.83 -24.82
CA SER B 207 -9.71 25.24 -25.02
C SER B 207 -9.99 25.03 -26.51
N GLY B 208 -10.38 23.79 -26.86
CA GLY B 208 -10.72 23.47 -28.23
C GLY B 208 -9.55 23.17 -29.14
N VAL B 209 -8.32 23.12 -28.62
CA VAL B 209 -7.16 22.79 -29.43
C VAL B 209 -7.07 21.28 -29.61
N HIS B 210 -6.80 20.85 -30.84
CA HIS B 210 -6.49 19.45 -31.14
C HIS B 210 -5.20 19.46 -31.96
N THR B 211 -4.12 18.93 -31.38
CA THR B 211 -2.87 18.69 -32.10
C THR B 211 -2.81 17.20 -32.38
N PHE B 212 -2.89 16.83 -33.64
CA PHE B 212 -2.99 15.44 -34.07
C PHE B 212 -1.66 14.70 -33.94
N PRO B 213 -1.72 13.39 -33.76
CA PRO B 213 -0.49 12.59 -33.83
C PRO B 213 0.16 12.77 -35.19
N ALA B 214 1.49 12.81 -35.19
CA ALA B 214 2.22 12.90 -36.44
C ALA B 214 1.99 11.65 -37.29
N VAL B 215 2.05 11.83 -38.60
CA VAL B 215 1.97 10.73 -39.56
C VAL B 215 3.27 10.68 -40.34
N LEU B 216 3.79 9.46 -40.52
CA LEU B 216 5.00 9.25 -41.31
C LEU B 216 4.63 9.18 -42.78
N GLN B 217 5.11 10.13 -43.57
CA GLN B 217 4.82 10.19 -44.99
C GLN B 217 5.77 9.28 -45.77
N SER B 218 5.30 8.87 -46.97
CA SER B 218 6.09 7.99 -47.82
C SER B 218 7.47 8.56 -48.12
N SER B 219 7.65 9.88 -47.99
CA SER B 219 8.98 10.47 -48.07
C SER B 219 9.86 10.09 -46.91
N GLY B 220 9.31 9.53 -45.83
CA GLY B 220 10.08 9.28 -44.64
C GLY B 220 10.15 10.46 -43.70
N LEU B 221 9.44 11.55 -43.99
CA LEU B 221 9.33 12.68 -43.09
C LEU B 221 7.96 12.70 -42.46
N TYR B 222 7.89 13.28 -41.26
CA TYR B 222 6.65 13.39 -40.50
C TYR B 222 5.88 14.63 -40.91
N SER B 223 4.57 14.59 -40.67
CA SER B 223 3.71 15.75 -40.82
C SER B 223 2.60 15.68 -39.77
N LEU B 224 2.16 16.83 -39.27
CA LEU B 224 0.99 16.84 -38.41
C LEU B 224 0.26 18.18 -38.56
N SER B 225 -0.98 18.20 -38.12
CA SER B 225 -1.73 19.44 -38.05
C SER B 225 -2.18 19.69 -36.63
N SER B 226 -2.22 20.97 -36.29
CA SER B 226 -2.81 21.42 -35.04
C SER B 226 -3.95 22.35 -35.39
N VAL B 227 -5.13 22.15 -34.78
CA VAL B 227 -6.30 22.96 -35.09
C VAL B 227 -6.91 23.51 -33.80
N VAL B 228 -7.73 24.54 -33.97
CA VAL B 228 -8.49 25.09 -32.87
C VAL B 228 -9.78 25.66 -33.44
N THR B 229 -10.87 25.50 -32.70
CA THR B 229 -12.13 26.13 -33.06
C THR B 229 -12.33 27.35 -32.18
N VAL B 230 -12.82 28.44 -32.78
CA VAL B 230 -13.01 29.72 -32.10
C VAL B 230 -14.35 30.30 -32.55
N PRO B 231 -14.89 31.24 -31.79
CA PRO B 231 -16.08 31.96 -32.29
C PRO B 231 -15.75 32.74 -33.55
N SER B 232 -16.62 32.62 -34.56
CA SER B 232 -16.34 33.26 -35.84
C SER B 232 -16.33 34.78 -35.75
N SER B 233 -16.85 35.37 -34.66
CA SER B 233 -16.76 36.82 -34.46
C SER B 233 -15.32 37.26 -34.22
N SER B 234 -14.52 36.44 -33.56
CA SER B 234 -13.16 36.83 -33.18
C SER B 234 -12.20 36.88 -34.37
N LEU B 235 -12.63 36.42 -35.55
CA LEU B 235 -11.73 36.35 -36.69
C LEU B 235 -11.23 37.73 -37.11
N GLY B 236 -11.97 38.80 -36.80
CA GLY B 236 -11.55 40.12 -37.19
C GLY B 236 -10.76 40.83 -36.11
N THR B 237 -11.02 40.48 -34.84
CA THR B 237 -10.47 41.22 -33.71
C THR B 237 -9.32 40.51 -33.02
N GLN B 238 -9.36 39.18 -32.93
CA GLN B 238 -8.33 38.40 -32.27
C GLN B 238 -7.30 37.91 -33.28
N THR B 239 -6.03 37.92 -32.88
CA THR B 239 -4.94 37.36 -33.67
C THR B 239 -4.60 35.96 -33.16
N TYR B 240 -4.35 35.03 -34.09
CA TYR B 240 -4.10 33.63 -33.76
C TYR B 240 -2.74 33.20 -34.30
N ILE B 241 -1.91 32.66 -33.41
CA ILE B 241 -0.52 32.32 -33.69
C ILE B 241 -0.25 30.91 -33.20
N CYS B 242 0.20 30.02 -34.08
CA CYS B 242 0.64 28.73 -33.62
C CYS B 242 2.13 28.79 -33.36
N ASN B 243 2.54 28.22 -32.23
CA ASN B 243 3.94 28.22 -31.80
C ASN B 243 4.44 26.80 -31.98
N VAL B 244 5.26 26.59 -33.01
CA VAL B 244 5.77 25.28 -33.39
C VAL B 244 7.23 25.20 -32.98
N ASN B 245 7.56 24.18 -32.20
CA ASN B 245 8.94 23.95 -31.80
C ASN B 245 9.32 22.55 -32.23
N HIS B 246 10.38 22.46 -33.04
CA HIS B 246 11.01 21.19 -33.38
C HIS B 246 12.42 21.21 -32.78
N LYS B 247 12.52 20.86 -31.50
CA LYS B 247 13.81 20.89 -30.81
C LYS B 247 14.91 20.08 -31.48
N PRO B 248 14.66 18.89 -32.07
CA PRO B 248 15.77 18.16 -32.73
C PRO B 248 16.55 18.97 -33.76
N SER B 249 15.93 19.94 -34.43
CA SER B 249 16.61 20.78 -35.42
C SER B 249 16.77 22.21 -34.96
N ASN B 250 16.52 22.52 -33.68
CA ASN B 250 16.58 23.89 -33.18
C ASN B 250 15.79 24.85 -34.08
N THR B 251 14.61 24.41 -34.50
CA THR B 251 13.72 25.18 -35.37
C THR B 251 12.47 25.58 -34.58
N LYS B 252 12.27 26.88 -34.40
CA LYS B 252 11.11 27.40 -33.69
C LYS B 252 10.40 28.40 -34.59
N VAL B 253 9.09 28.24 -34.75
CA VAL B 253 8.32 29.03 -35.69
C VAL B 253 7.07 29.56 -35.00
N ASP B 254 6.80 30.86 -35.18
CA ASP B 254 5.56 31.49 -34.71
C ASP B 254 4.79 31.94 -35.96
N LYS B 255 3.76 31.18 -36.36
CA LYS B 255 3.03 31.46 -37.61
C LYS B 255 1.68 32.08 -37.31
N LYS B 256 1.41 33.25 -37.88
CA LYS B 256 0.11 33.91 -37.76
C LYS B 256 -0.87 33.30 -38.77
N VAL B 257 -2.07 32.95 -38.31
CA VAL B 257 -3.09 32.32 -39.15
C VAL B 257 -4.23 33.31 -39.31
N GLU B 258 -4.47 33.74 -40.55
CA GLU B 258 -5.44 34.78 -40.86
C GLU B 258 -6.37 34.31 -41.97
N PRO B 259 -7.60 34.83 -42.03
CA PRO B 259 -8.50 34.49 -43.13
C PRO B 259 -7.96 34.96 -44.47
N LYS B 260 -8.23 34.19 -45.52
CA LYS B 260 -7.80 34.55 -46.86
C LYS B 260 -8.96 35.09 -47.70
N ALA C 1 19.34 -21.37 -20.03
CA ALA C 1 18.74 -20.12 -19.62
C ALA C 1 17.28 -20.35 -19.27
N ASP C 2 16.78 -19.62 -18.28
CA ASP C 2 15.39 -19.83 -17.85
C ASP C 2 14.44 -19.03 -18.73
N PRO C 3 13.24 -19.56 -19.02
CA PRO C 3 12.28 -18.80 -19.82
C PRO C 3 11.78 -17.55 -19.09
N ASP C 4 11.63 -16.46 -19.85
CA ASP C 4 11.00 -15.27 -19.31
C ASP C 4 9.56 -15.60 -18.97
N ILE C 5 9.04 -14.95 -17.94
CA ILE C 5 7.66 -15.20 -17.54
C ILE C 5 6.77 -14.40 -18.48
N GLN C 6 5.87 -15.10 -19.19
CA GLN C 6 4.98 -14.45 -20.13
C GLN C 6 3.70 -14.04 -19.41
N MET C 7 3.34 -12.76 -19.54
CA MET C 7 2.12 -12.20 -18.99
C MET C 7 1.17 -11.93 -20.15
N THR C 8 0.00 -12.57 -20.12
CA THR C 8 -0.98 -12.54 -21.20
C THR C 8 -2.21 -11.81 -20.70
N GLN C 9 -2.45 -10.60 -21.21
CA GLN C 9 -3.59 -9.79 -20.81
C GLN C 9 -4.77 -10.00 -21.75
N SER C 10 -5.97 -9.82 -21.20
CA SER C 10 -7.18 -9.91 -22.03
C SER C 10 -8.26 -9.04 -21.39
N PRO C 11 -9.09 -8.37 -22.20
CA PRO C 11 -8.98 -8.26 -23.67
C PRO C 11 -7.85 -7.32 -24.05
N SER C 12 -7.51 -7.27 -25.34
CA SER C 12 -6.51 -6.32 -25.80
C SER C 12 -7.05 -4.91 -25.80
N SER C 13 -8.37 -4.77 -25.98
CA SER C 13 -9.00 -3.46 -25.91
C SER C 13 -10.46 -3.69 -25.51
N LEU C 14 -11.06 -2.66 -24.92
CA LEU C 14 -12.46 -2.73 -24.56
C LEU C 14 -13.06 -1.33 -24.57
N SER C 15 -14.38 -1.28 -24.59
CA SER C 15 -15.13 -0.04 -24.59
C SER C 15 -16.25 -0.20 -23.58
N ALA C 16 -16.39 0.75 -22.64
CA ALA C 16 -17.43 0.63 -21.64
C ALA C 16 -17.96 2.02 -21.29
N SER C 17 -19.19 2.06 -20.77
CA SER C 17 -19.85 3.32 -20.49
C SER C 17 -19.35 3.88 -19.17
N VAL C 18 -19.45 5.21 -19.03
CA VAL C 18 -19.25 5.84 -17.73
C VAL C 18 -20.12 5.13 -16.70
N GLY C 19 -19.51 4.72 -15.58
CA GLY C 19 -20.22 4.04 -14.52
C GLY C 19 -20.17 2.52 -14.56
N ASP C 20 -19.73 1.94 -15.67
CA ASP C 20 -19.63 0.48 -15.81
C ASP C 20 -18.53 -0.07 -14.92
N ARG C 21 -18.70 -1.32 -14.53
CA ARG C 21 -17.64 -2.12 -13.93
C ARG C 21 -16.83 -2.76 -15.05
N VAL C 22 -15.50 -2.57 -15.01
CA VAL C 22 -14.59 -3.07 -16.04
C VAL C 22 -13.62 -4.03 -15.35
N THR C 23 -13.41 -5.21 -15.96
CA THR C 23 -12.48 -6.20 -15.44
C THR C 23 -11.51 -6.62 -16.53
N ILE C 24 -10.22 -6.57 -16.20
CA ILE C 24 -9.12 -6.91 -17.10
C ILE C 24 -8.38 -8.09 -16.47
N THR C 25 -8.01 -9.07 -17.27
CA THR C 25 -7.33 -10.24 -16.74
C THR C 25 -5.90 -10.30 -17.24
N CYS C 26 -5.07 -10.95 -16.46
CA CYS C 26 -3.66 -11.10 -16.75
C CYS C 26 -3.27 -12.49 -16.27
N ARG C 27 -2.76 -13.33 -17.17
CA ARG C 27 -2.36 -14.69 -16.83
C ARG C 27 -0.85 -14.84 -16.97
N ALA C 28 -0.20 -15.38 -15.93
CA ALA C 28 1.25 -15.58 -15.92
C ALA C 28 1.59 -17.01 -16.34
N SER C 29 2.70 -17.16 -17.10
CA SER C 29 3.06 -18.49 -17.61
C SER C 29 3.77 -19.34 -16.56
N GLN C 30 4.10 -18.73 -15.43
CA GLN C 30 4.67 -19.42 -14.27
C GLN C 30 3.99 -18.88 -13.02
N ASP C 31 3.89 -19.73 -11.99
CA ASP C 31 3.37 -19.30 -10.69
C ASP C 31 4.25 -18.17 -10.11
N VAL C 32 3.66 -16.99 -9.92
CA VAL C 32 4.36 -15.83 -9.39
C VAL C 32 3.73 -15.37 -8.07
N SER C 33 3.06 -16.28 -7.35
CA SER C 33 2.55 -15.99 -6.01
C SER C 33 1.64 -14.76 -6.11
N THR C 34 1.86 -13.70 -5.34
CA THR C 34 1.11 -12.46 -5.53
C THR C 34 1.98 -11.32 -6.06
N ALA C 35 3.10 -11.64 -6.71
CA ALA C 35 4.06 -10.61 -7.13
C ALA C 35 3.69 -10.04 -8.50
N VAL C 36 2.57 -9.31 -8.52
CA VAL C 36 2.01 -8.74 -9.74
C VAL C 36 1.67 -7.27 -9.49
N ALA C 37 2.02 -6.41 -10.46
CA ALA C 37 1.68 -5.00 -10.36
C ALA C 37 0.89 -4.58 -11.59
N TRP C 38 0.09 -3.53 -11.43
CA TRP C 38 -0.71 -2.97 -12.50
C TRP C 38 -0.40 -1.50 -12.65
N TYR C 39 -0.32 -1.03 -13.89
CA TYR C 39 -0.02 0.36 -14.17
C TYR C 39 -1.08 0.91 -15.11
N GLN C 40 -1.26 2.23 -15.05
CA GLN C 40 -2.08 2.99 -16.00
C GLN C 40 -1.18 3.91 -16.82
N GLN C 41 -1.34 3.89 -18.15
CA GLN C 41 -0.52 4.76 -19.02
C GLN C 41 -1.43 5.62 -19.90
N LYS C 42 -1.46 6.91 -19.61
CA LYS C 42 -2.16 7.83 -20.48
C LYS C 42 -1.25 8.15 -21.65
N PRO C 43 -1.83 8.51 -22.79
CA PRO C 43 -1.01 8.73 -23.99
C PRO C 43 0.01 9.83 -23.77
N GLY C 44 1.23 9.56 -24.21
CA GLY C 44 2.34 10.49 -24.10
C GLY C 44 2.84 10.71 -22.69
N LYS C 45 2.41 9.91 -21.73
CA LYS C 45 2.86 10.03 -20.36
C LYS C 45 3.50 8.73 -19.87
N ALA C 46 4.28 8.83 -18.80
CA ALA C 46 4.87 7.64 -18.21
C ALA C 46 3.80 6.82 -17.49
N PRO C 47 3.99 5.50 -17.42
CA PRO C 47 3.10 4.66 -16.60
C PRO C 47 3.06 5.16 -15.16
N LYS C 48 1.89 5.02 -14.54
CA LYS C 48 1.69 5.28 -13.12
C LYS C 48 1.22 4.00 -12.42
N LEU C 49 1.83 3.70 -11.29
CA LEU C 49 1.50 2.49 -10.55
C LEU C 49 0.10 2.61 -9.93
N LEU C 50 -0.72 1.57 -10.12
CA LEU C 50 -2.06 1.49 -9.51
C LEU C 50 -2.07 0.52 -8.34
N ILE C 51 -1.64 -0.72 -8.58
CA ILE C 51 -1.77 -1.84 -7.65
C ILE C 51 -0.42 -2.54 -7.56
N TYR C 52 -0.06 -3.04 -6.38
CA TYR C 52 1.11 -3.89 -6.24
C TYR C 52 0.75 -5.06 -5.35
N SER C 53 1.61 -6.08 -5.35
CA SER C 53 1.35 -7.30 -4.58
C SER C 53 -0.04 -7.85 -4.89
N ALA C 54 -0.44 -7.73 -6.15
CA ALA C 54 -1.70 -8.22 -6.72
C ALA C 54 -2.97 -7.48 -6.27
N SER C 55 -3.05 -7.03 -5.01
CA SER C 55 -4.29 -6.46 -4.50
C SER C 55 -4.10 -5.20 -3.65
N PHE C 56 -2.88 -4.73 -3.45
CA PHE C 56 -2.64 -3.59 -2.56
C PHE C 56 -2.75 -2.28 -3.34
N LEU C 57 -3.64 -1.41 -2.90
CA LEU C 57 -3.86 -0.13 -3.58
C LEU C 57 -2.70 0.84 -3.27
N TYR C 58 -2.05 1.32 -4.32
CA TYR C 58 -0.90 2.21 -4.13
C TYR C 58 -1.39 3.57 -3.63
N SER C 59 -0.56 4.21 -2.79
CA SER C 59 -0.97 5.45 -2.15
C SER C 59 -1.32 6.51 -3.19
N GLY C 60 -2.47 7.16 -3.00
CA GLY C 60 -2.92 8.18 -3.91
C GLY C 60 -3.88 7.70 -4.98
N VAL C 61 -3.97 6.40 -5.20
CA VAL C 61 -4.75 5.85 -6.30
C VAL C 61 -6.21 5.79 -5.88
N PRO C 62 -7.16 6.21 -6.72
CA PRO C 62 -8.58 6.18 -6.32
C PRO C 62 -9.07 4.78 -5.99
N SER C 63 -10.06 4.68 -5.09
CA SER C 63 -10.48 3.38 -4.60
C SER C 63 -11.34 2.61 -5.59
N ARG C 64 -11.71 3.21 -6.72
CA ARG C 64 -12.42 2.44 -7.74
C ARG C 64 -11.53 1.40 -8.41
N PHE C 65 -10.21 1.54 -8.31
CA PHE C 65 -9.29 0.53 -8.81
C PHE C 65 -9.08 -0.54 -7.74
N SER C 66 -9.12 -1.81 -8.15
CA SER C 66 -8.76 -2.89 -7.24
C SER C 66 -8.15 -4.03 -8.03
N GLY C 67 -7.48 -4.93 -7.32
CA GLY C 67 -6.86 -6.09 -7.95
C GLY C 67 -7.03 -7.33 -7.11
N SER C 68 -6.91 -8.48 -7.75
CA SER C 68 -7.02 -9.76 -7.02
C SER C 68 -6.35 -10.85 -7.83
N GLY C 69 -6.21 -12.01 -7.19
CA GLY C 69 -5.58 -13.16 -7.82
C GLY C 69 -4.28 -13.53 -7.13
N SER C 70 -3.81 -14.72 -7.51
CA SER C 70 -2.61 -15.34 -6.97
C SER C 70 -2.24 -16.48 -7.90
N GLY C 71 -0.98 -16.87 -7.87
CA GLY C 71 -0.56 -18.00 -8.68
C GLY C 71 -0.30 -17.58 -10.11
N THR C 72 -1.24 -17.88 -11.02
CA THR C 72 -1.13 -17.48 -12.41
C THR C 72 -2.25 -16.59 -12.90
N ASP C 73 -3.35 -16.45 -12.15
CA ASP C 73 -4.52 -15.73 -12.66
C ASP C 73 -4.72 -14.44 -11.86
N PHE C 74 -4.71 -13.30 -12.54
CA PHE C 74 -4.80 -12.00 -11.88
C PHE C 74 -5.83 -11.14 -12.59
N THR C 75 -6.52 -10.27 -11.85
CA THR C 75 -7.47 -9.37 -12.48
C THR C 75 -7.32 -7.97 -11.92
N LEU C 76 -7.60 -6.98 -12.77
CA LEU C 76 -7.73 -5.59 -12.38
C LEU C 76 -9.18 -5.19 -12.60
N THR C 77 -9.80 -4.53 -11.61
CA THR C 77 -11.19 -4.11 -11.70
C THR C 77 -11.27 -2.60 -11.53
N ILE C 78 -12.00 -1.94 -12.43
CA ILE C 78 -12.42 -0.55 -12.26
C ILE C 78 -13.92 -0.59 -11.97
N SER C 79 -14.31 -0.22 -10.75
CA SER C 79 -15.68 -0.56 -10.34
C SER C 79 -16.71 0.41 -10.90
N SER C 80 -16.30 1.63 -11.24
CA SER C 80 -17.19 2.64 -11.83
C SER C 80 -16.33 3.51 -12.76
N LEU C 81 -16.30 3.13 -14.03
CA LEU C 81 -15.46 3.81 -15.02
C LEU C 81 -15.80 5.30 -15.11
N GLN C 82 -14.75 6.13 -15.20
CA GLN C 82 -14.85 7.58 -15.31
C GLN C 82 -14.28 8.04 -16.64
N PRO C 83 -14.72 9.18 -17.18
CA PRO C 83 -14.20 9.60 -18.50
C PRO C 83 -12.70 9.75 -18.52
N GLU C 84 -12.09 10.11 -17.38
CA GLU C 84 -10.62 10.26 -17.38
C GLU C 84 -9.88 8.94 -17.29
N ASP C 85 -10.58 7.80 -17.28
CA ASP C 85 -9.95 6.49 -17.18
C ASP C 85 -9.56 5.91 -18.53
N PHE C 86 -9.82 6.63 -19.63
CA PHE C 86 -9.24 6.27 -20.91
C PHE C 86 -7.73 6.17 -20.79
N ALA C 87 -7.19 4.99 -21.08
CA ALA C 87 -5.78 4.70 -20.88
C ALA C 87 -5.48 3.30 -21.38
N THR C 88 -4.19 2.98 -21.47
CA THR C 88 -3.74 1.61 -21.62
C THR C 88 -3.24 1.12 -20.26
N TYR C 89 -3.70 -0.06 -19.86
CA TYR C 89 -3.44 -0.64 -18.55
C TYR C 89 -2.53 -1.85 -18.75
N TYR C 90 -1.47 -1.94 -17.94
CA TYR C 90 -0.50 -3.01 -18.07
C TYR C 90 -0.39 -3.79 -16.77
N CYS C 91 -0.33 -5.12 -16.87
CA CYS C 91 0.15 -5.87 -15.73
C CYS C 91 1.65 -6.13 -15.89
N GLN C 92 2.27 -6.59 -14.81
CA GLN C 92 3.70 -6.86 -14.78
C GLN C 92 3.97 -7.82 -13.64
N GLN C 93 4.77 -8.86 -13.87
CA GLN C 93 5.21 -9.64 -12.72
C GLN C 93 6.47 -9.03 -12.14
N SER C 94 6.47 -8.93 -10.81
CA SER C 94 7.59 -8.42 -10.05
C SER C 94 8.27 -9.53 -9.25
N TYR C 95 8.18 -10.76 -9.76
CA TYR C 95 8.55 -11.95 -9.03
C TYR C 95 10.02 -12.33 -9.21
N THR C 96 10.56 -12.14 -10.40
CA THR C 96 11.94 -12.49 -10.69
C THR C 96 12.42 -11.71 -11.90
N THR C 97 13.73 -11.84 -12.20
CA THR C 97 14.39 -11.13 -13.30
C THR C 97 14.36 -11.98 -14.55
N PRO C 98 14.03 -11.42 -15.70
CA PRO C 98 13.65 -10.02 -15.94
C PRO C 98 12.20 -9.73 -15.58
N PRO C 99 11.93 -8.55 -15.01
CA PRO C 99 10.54 -8.07 -14.95
C PRO C 99 9.96 -8.13 -16.35
N THR C 100 8.70 -8.59 -16.46
CA THR C 100 8.04 -8.69 -17.73
C THR C 100 6.63 -8.14 -17.62
N PHE C 101 6.14 -7.58 -18.74
CA PHE C 101 4.86 -6.88 -18.82
C PHE C 101 3.89 -7.59 -19.76
N GLY C 102 2.60 -7.50 -19.43
CA GLY C 102 1.55 -7.87 -20.37
C GLY C 102 1.51 -6.90 -21.54
N GLN C 103 0.81 -7.28 -22.59
CA GLN C 103 0.86 -6.47 -23.81
C GLN C 103 -0.02 -5.23 -23.71
N GLY C 104 -0.77 -5.06 -22.62
CA GLY C 104 -1.59 -3.89 -22.39
C GLY C 104 -3.03 -4.10 -22.82
N THR C 105 -3.93 -3.38 -22.15
CA THR C 105 -5.36 -3.35 -22.48
C THR C 105 -5.77 -1.89 -22.69
N LYS C 106 -6.21 -1.54 -23.89
CA LYS C 106 -6.66 -0.18 -24.17
C LYS C 106 -8.13 -0.04 -23.76
N VAL C 107 -8.41 0.86 -22.84
CA VAL C 107 -9.77 1.11 -22.34
C VAL C 107 -10.28 2.38 -22.99
N GLU C 108 -11.40 2.28 -23.70
CA GLU C 108 -12.09 3.40 -24.29
C GLU C 108 -13.42 3.62 -23.56
N ILE C 109 -13.88 4.87 -23.57
CA ILE C 109 -15.13 5.26 -22.91
C ILE C 109 -16.23 5.26 -23.98
N LYS C 110 -17.29 4.50 -23.73
CA LYS C 110 -18.46 4.56 -24.60
C LYS C 110 -19.34 5.72 -24.19
N ARG C 111 -19.85 6.44 -25.18
CA ARG C 111 -20.76 7.55 -24.92
C ARG C 111 -21.81 7.55 -26.02
N THR C 112 -22.69 8.55 -25.98
CA THR C 112 -23.69 8.72 -27.03
C THR C 112 -23.03 9.16 -28.33
N VAL C 113 -23.73 8.86 -29.42
CA VAL C 113 -23.27 9.26 -30.75
C VAL C 113 -23.23 10.78 -30.83
N ALA C 114 -22.18 11.31 -31.48
CA ALA C 114 -22.06 12.74 -31.71
C ALA C 114 -21.54 12.97 -33.13
N ALA C 115 -22.29 13.68 -33.94
CA ALA C 115 -21.84 13.87 -35.31
C ALA C 115 -20.71 14.91 -35.36
N PRO C 116 -19.79 14.78 -36.30
CA PRO C 116 -18.66 15.73 -36.36
C PRO C 116 -19.06 17.06 -36.98
N SER C 117 -18.34 18.11 -36.57
CA SER C 117 -18.31 19.37 -37.29
C SER C 117 -17.19 19.25 -38.33
N VAL C 118 -17.51 19.46 -39.60
CA VAL C 118 -16.57 19.18 -40.69
C VAL C 118 -16.06 20.51 -41.26
N PHE C 119 -14.76 20.56 -41.53
CA PHE C 119 -14.12 21.74 -42.10
C PHE C 119 -13.10 21.30 -43.14
N ILE C 120 -12.96 22.09 -44.20
CA ILE C 120 -12.03 21.77 -45.27
C ILE C 120 -11.11 22.96 -45.48
N PHE C 121 -9.81 22.70 -45.65
CA PHE C 121 -8.84 23.78 -45.76
C PHE C 121 -8.06 23.62 -47.05
N PRO C 122 -8.06 24.62 -47.92
CA PRO C 122 -7.22 24.56 -49.13
C PRO C 122 -5.75 24.68 -48.77
N PRO C 123 -4.84 24.33 -49.71
CA PRO C 123 -3.42 24.58 -49.46
C PRO C 123 -3.14 26.07 -49.40
N SER C 124 -2.12 26.43 -48.63
CA SER C 124 -1.71 27.83 -48.60
C SER C 124 -0.98 28.18 -49.88
N ASP C 125 -1.07 29.46 -50.27
CA ASP C 125 -0.31 29.90 -51.43
C ASP C 125 1.18 29.70 -51.22
N GLU C 126 1.65 29.89 -49.98
CA GLU C 126 3.06 29.67 -49.67
C GLU C 126 3.46 28.22 -49.91
N GLN C 127 2.59 27.26 -49.58
CA GLN C 127 2.96 25.89 -49.89
C GLN C 127 2.92 25.64 -51.40
N LEU C 128 1.93 26.23 -52.08
CA LEU C 128 1.75 26.02 -53.52
C LEU C 128 3.02 26.35 -54.28
N LYS C 129 3.73 27.39 -53.83
CA LYS C 129 4.99 27.78 -54.47
C LYS C 129 6.05 26.70 -54.35
N SER C 130 5.90 25.77 -53.42
CA SER C 130 6.91 24.73 -53.16
C SER C 130 6.72 23.48 -54.01
N GLY C 131 5.79 23.47 -54.95
CA GLY C 131 5.57 22.30 -55.79
C GLY C 131 4.69 21.22 -55.22
N THR C 132 4.17 21.38 -54.00
CA THR C 132 3.30 20.40 -53.38
C THR C 132 2.12 21.12 -52.73
N ALA C 133 0.97 20.46 -52.74
CA ALA C 133 -0.26 21.01 -52.21
C ALA C 133 -0.86 20.03 -51.20
N SER C 134 -1.11 20.49 -49.98
CA SER C 134 -1.81 19.70 -48.98
C SER C 134 -3.21 20.27 -48.76
N VAL C 135 -4.22 19.42 -48.86
CA VAL C 135 -5.61 19.80 -48.60
C VAL C 135 -6.02 19.04 -47.34
N VAL C 136 -6.61 19.75 -46.38
CA VAL C 136 -6.88 19.15 -45.08
C VAL C 136 -8.39 19.19 -44.82
N CYS C 137 -8.90 18.07 -44.34
CA CYS C 137 -10.27 17.92 -43.87
C CYS C 137 -10.24 17.53 -42.41
N LEU C 138 -11.00 18.26 -41.60
CA LEU C 138 -11.07 18.08 -40.15
C LEU C 138 -12.46 17.64 -39.74
N LEU C 139 -12.55 16.54 -38.99
CA LEU C 139 -13.78 16.06 -38.33
C LEU C 139 -13.64 16.33 -36.84
N ASN C 140 -14.43 17.24 -36.30
CA ASN C 140 -14.21 17.72 -34.93
C ASN C 140 -15.23 17.15 -33.96
N ASN C 141 -14.73 16.55 -32.87
CA ASN C 141 -15.49 16.23 -31.66
C ASN C 141 -16.69 15.33 -31.97
N PHE C 142 -16.38 14.10 -32.36
CA PHE C 142 -17.41 13.16 -32.78
C PHE C 142 -17.22 11.83 -32.06
N TYR C 143 -18.26 10.99 -32.08
CA TYR C 143 -18.28 9.67 -31.46
C TYR C 143 -19.32 8.87 -32.24
N PRO C 144 -19.04 7.59 -32.58
CA PRO C 144 -17.85 6.78 -32.28
C PRO C 144 -16.67 7.14 -33.17
N ARG C 145 -15.53 6.47 -32.96
CA ARG C 145 -14.31 6.78 -33.68
C ARG C 145 -14.42 6.47 -35.16
N GLU C 146 -15.20 5.46 -35.51
CA GLU C 146 -15.23 4.94 -36.87
C GLU C 146 -15.95 5.90 -37.82
N ALA C 147 -15.26 6.37 -38.84
CA ALA C 147 -15.85 7.24 -39.84
C ALA C 147 -15.15 7.00 -41.17
N LYS C 148 -15.91 7.16 -42.25
CA LYS C 148 -15.39 7.04 -43.61
C LYS C 148 -15.22 8.45 -44.17
N VAL C 149 -14.00 8.76 -44.57
CA VAL C 149 -13.65 10.07 -45.11
C VAL C 149 -13.16 9.83 -46.53
N GLN C 150 -13.85 10.39 -47.51
CA GLN C 150 -13.52 10.18 -48.92
C GLN C 150 -13.26 11.52 -49.58
N TRP C 151 -12.15 11.61 -50.32
CA TRP C 151 -11.82 12.84 -51.04
C TRP C 151 -12.38 12.75 -52.45
N LYS C 152 -12.97 13.86 -52.92
CA LYS C 152 -13.45 13.96 -54.29
C LYS C 152 -12.81 15.17 -54.92
N VAL C 153 -12.22 15.00 -56.11
CA VAL C 153 -11.60 16.09 -56.85
C VAL C 153 -12.28 16.14 -58.21
N ASP C 154 -13.00 17.22 -58.48
CA ASP C 154 -13.85 17.31 -59.67
C ASP C 154 -14.77 16.10 -59.78
N ASN C 155 -15.30 15.66 -58.64
CA ASN C 155 -16.21 14.53 -58.52
C ASN C 155 -15.55 13.19 -58.84
N ALA C 156 -14.22 13.12 -58.86
CA ALA C 156 -13.52 11.85 -58.99
C ALA C 156 -12.99 11.46 -57.62
N LEU C 157 -13.37 10.27 -57.16
CA LEU C 157 -12.92 9.78 -55.86
C LEU C 157 -11.41 9.53 -55.89
N GLN C 158 -10.72 10.02 -54.88
CA GLN C 158 -9.27 9.88 -54.80
C GLN C 158 -8.89 8.52 -54.20
N SER C 159 -7.69 8.05 -54.56
CA SER C 159 -7.18 6.77 -54.06
C SER C 159 -5.67 6.89 -53.86
N GLY C 160 -5.18 6.58 -52.65
CA GLY C 160 -3.76 6.32 -52.45
C GLY C 160 -2.96 7.55 -52.08
N ASN C 161 -3.58 8.71 -52.07
CA ASN C 161 -2.88 9.98 -51.87
C ASN C 161 -3.37 10.71 -50.62
N SER C 162 -3.95 10.00 -49.64
CA SER C 162 -4.39 10.67 -48.40
C SER C 162 -4.01 9.83 -47.19
N GLN C 163 -3.84 10.52 -46.06
CA GLN C 163 -3.54 9.87 -44.79
C GLN C 163 -4.38 10.52 -43.71
N GLU C 164 -4.78 9.71 -42.73
CA GLU C 164 -5.62 10.12 -41.61
C GLU C 164 -4.84 10.07 -40.31
N SER C 165 -5.20 10.96 -39.39
CA SER C 165 -4.72 10.94 -38.02
C SER C 165 -5.90 11.20 -37.08
N VAL C 166 -5.88 10.59 -35.89
CA VAL C 166 -6.99 10.68 -34.92
C VAL C 166 -6.42 11.03 -33.56
N THR C 167 -7.06 11.98 -32.88
CA THR C 167 -6.68 12.30 -31.51
C THR C 167 -7.08 11.18 -30.56
N GLU C 168 -6.46 11.21 -29.39
CA GLU C 168 -6.92 10.37 -28.30
C GLU C 168 -8.28 10.88 -27.79
N GLN C 169 -9.01 9.97 -27.17
CA GLN C 169 -10.31 10.32 -26.63
C GLN C 169 -10.20 11.48 -25.65
N ASP C 170 -11.08 12.47 -25.81
CA ASP C 170 -11.08 13.63 -24.92
C ASP C 170 -11.43 13.23 -23.49
N SER C 171 -10.58 13.62 -22.54
CA SER C 171 -10.72 13.17 -21.16
C SER C 171 -11.95 13.77 -20.47
N LYS C 172 -12.59 14.76 -21.10
CA LYS C 172 -13.81 15.36 -20.57
C LYS C 172 -15.07 14.83 -21.23
N ASP C 173 -15.20 14.99 -22.56
CA ASP C 173 -16.44 14.65 -23.25
C ASP C 173 -16.35 13.39 -24.09
N SER C 174 -15.21 12.69 -24.04
CA SER C 174 -15.03 11.37 -24.63
C SER C 174 -15.23 11.34 -26.14
N THR C 175 -14.99 12.46 -26.83
CA THR C 175 -15.08 12.47 -28.29
C THR C 175 -13.71 12.35 -28.93
N TYR C 176 -13.71 12.12 -30.24
CA TYR C 176 -12.51 12.07 -31.04
C TYR C 176 -12.52 13.23 -32.04
N SER C 177 -11.35 13.55 -32.56
CA SER C 177 -11.27 14.40 -33.74
C SER C 177 -10.36 13.72 -34.74
N LEU C 178 -10.59 13.99 -36.03
CA LEU C 178 -9.85 13.30 -37.08
C LEU C 178 -9.43 14.31 -38.15
N SER C 179 -8.21 14.15 -38.66
CA SER C 179 -7.73 14.92 -39.79
C SER C 179 -7.46 13.96 -40.95
N SER C 180 -7.88 14.33 -42.16
CA SER C 180 -7.48 13.65 -43.38
C SER C 180 -6.76 14.63 -44.28
N THR C 181 -5.57 14.24 -44.74
CA THR C 181 -4.71 15.09 -45.55
C THR C 181 -4.55 14.48 -46.93
N LEU C 182 -4.93 15.24 -47.95
CA LEU C 182 -4.77 14.88 -49.36
C LEU C 182 -3.54 15.59 -49.89
N THR C 183 -2.61 14.82 -50.46
CA THR C 183 -1.36 15.39 -50.97
C THR C 183 -1.32 15.22 -52.47
N LEU C 184 -1.04 16.33 -53.17
CA LEU C 184 -0.99 16.36 -54.64
C LEU C 184 0.22 17.16 -55.07
N SER C 185 0.70 16.88 -56.28
CA SER C 185 1.68 17.79 -56.88
C SER C 185 1.01 19.13 -57.17
N LYS C 186 1.82 20.20 -57.19
CA LYS C 186 1.30 21.51 -57.57
C LYS C 186 0.57 21.45 -58.92
N ALA C 187 1.16 20.79 -59.92
CA ALA C 187 0.52 20.68 -61.24
C ALA C 187 -0.85 20.00 -61.16
N ASP C 188 -0.95 18.90 -60.42
CA ASP C 188 -2.24 18.21 -60.37
C ASP C 188 -3.29 19.06 -59.66
N TYR C 189 -2.91 19.72 -58.56
CA TYR C 189 -3.83 20.62 -57.86
C TYR C 189 -4.38 21.69 -58.80
N GLU C 190 -3.52 22.24 -59.65
CA GLU C 190 -3.98 23.29 -60.56
C GLU C 190 -4.72 22.75 -61.77
N LYS C 191 -4.78 21.42 -61.96
CA LYS C 191 -5.52 20.82 -63.06
C LYS C 191 -7.03 20.79 -62.80
N HIS C 192 -7.45 20.90 -61.54
CA HIS C 192 -8.83 20.67 -61.16
C HIS C 192 -9.37 21.86 -60.39
N LYS C 193 -10.71 21.94 -60.31
CA LYS C 193 -11.41 23.08 -59.74
C LYS C 193 -11.99 22.81 -58.35
N VAL C 194 -12.67 21.69 -58.14
CA VAL C 194 -13.51 21.49 -56.96
C VAL C 194 -12.89 20.41 -56.09
N TYR C 195 -12.67 20.73 -54.81
CA TYR C 195 -12.07 19.82 -53.84
C TYR C 195 -13.07 19.58 -52.73
N ALA C 196 -13.42 18.31 -52.51
CA ALA C 196 -14.52 17.97 -51.62
C ALA C 196 -14.07 16.89 -50.66
N CYS C 197 -14.46 17.05 -49.40
CA CYS C 197 -14.28 16.05 -48.35
C CYS C 197 -15.66 15.54 -47.96
N GLU C 198 -15.95 14.25 -48.23
CA GLU C 198 -17.20 13.61 -47.86
C GLU C 198 -17.00 12.76 -46.61
N VAL C 199 -17.86 12.92 -45.63
CA VAL C 199 -17.71 12.25 -44.33
C VAL C 199 -18.99 11.47 -44.05
N THR C 200 -18.85 10.16 -43.84
CA THR C 200 -19.99 9.28 -43.66
C THR C 200 -19.86 8.55 -42.35
N GLN C 201 -20.96 8.53 -41.58
CA GLN C 201 -21.13 7.65 -40.43
C GLN C 201 -22.56 7.14 -40.45
N GLY C 202 -22.73 5.84 -40.65
CA GLY C 202 -24.07 5.29 -40.72
C GLY C 202 -24.80 5.81 -41.94
N THR C 203 -26.04 6.26 -41.74
CA THR C 203 -26.84 6.83 -42.81
C THR C 203 -26.61 8.33 -42.98
N THR C 204 -25.65 8.90 -42.25
CA THR C 204 -25.46 10.34 -42.19
C THR C 204 -24.24 10.70 -43.02
N SER C 205 -24.43 11.49 -44.08
CA SER C 205 -23.36 11.95 -44.95
C SER C 205 -23.32 13.47 -44.93
N VAL C 206 -22.11 14.03 -44.87
CA VAL C 206 -21.90 15.47 -44.94
C VAL C 206 -20.70 15.73 -45.84
N THR C 207 -20.78 16.76 -46.67
CA THR C 207 -19.69 17.10 -47.59
C THR C 207 -19.34 18.58 -47.45
N LYS C 208 -18.04 18.87 -47.31
CA LYS C 208 -17.54 20.23 -47.36
C LYS C 208 -16.64 20.39 -48.58
N SER C 209 -16.74 21.54 -49.25
CA SER C 209 -15.97 21.68 -50.47
C SER C 209 -15.52 23.14 -50.63
N PHE C 210 -14.45 23.33 -51.40
CA PHE C 210 -14.09 24.64 -51.92
C PHE C 210 -13.77 24.54 -53.40
N ASN C 211 -13.80 25.70 -54.05
CA ASN C 211 -13.52 25.86 -55.46
C ASN C 211 -12.27 26.71 -55.60
N ARG C 212 -11.30 26.23 -56.39
CA ARG C 212 -10.12 27.05 -56.66
C ARG C 212 -10.49 28.39 -57.29
N GLY C 213 -11.58 28.43 -58.05
CA GLY C 213 -12.04 29.63 -58.73
C GLY C 213 -12.75 30.65 -57.86
N GLU C 214 -12.88 30.38 -56.57
CA GLU C 214 -13.45 31.37 -55.66
C GLU C 214 -12.57 32.62 -55.64
N CYS C 215 -13.19 33.75 -55.31
CA CYS C 215 -12.52 35.05 -55.31
C CYS C 215 -12.17 35.47 -56.73
#